data_9EAI
#
_entry.id   9EAI
#
_cell.length_a   1.00
_cell.length_b   1.00
_cell.length_c   1.00
_cell.angle_alpha   90.00
_cell.angle_beta   90.00
_cell.angle_gamma   90.00
#
_symmetry.space_group_name_H-M   'P 1'
#
loop_
_entity.id
_entity.type
_entity.pdbx_description
1 polymer 'Nanobody AT206,Type-1 angiotensin II receptor,Soluble cytochrome b562'
2 polymer 'BAG2 Anti-BRIL Fab Heavy Chain'
3 polymer 'BAG2 Anti-BRIL Fab Light Chain'
4 non-polymer [2-butyl-5-chloranyl-3-[[4-[2-(2H-1,2,3,4-tetrazol-5-yl)phenyl]phenyl]methyl]imidazol-4-yl]methanol
5 non-polymer 'CHOLESTEROL HEMISUCCINATE'
6 non-polymer CHOLESTEROL
#
loop_
_entity_poly.entity_id
_entity_poly.type
_entity_poly.pdbx_seq_one_letter_code
_entity_poly.pdbx_strand_id
1 'polypeptide(L)'
;QVQLQESGGGLVQAGGSLRLSCAASGSISYYRMGWYRQAPGKEREFVAGIGVGTTTNYADSVKGRFTISRDNAKNTVYLQ
MNSLKPEDTAVYYCAAYNYFPRSIVYYYVYWGQGTQVTVSSGGSGEDQVDPRLIDGKILNSSTEDGIKRIQDDCPKAGRH
NYIFVMIPTLYSIIFVVGIFGNSLVVIVIYFYMKLKTVASVFLLNLALADLCFLLTLPLWAVYTAMEYRWPFGNYLCKIA
SASVSFNLYASVFLLTCLSIDRYLAIVHPMKSRLRRTMLVAKVTCIIIWLLAGLASLPAIIHRNVFFIENTNITVCAFHY
ESQNSTLPIGLGLTKNILGFLFPFLIILTSYTLIWKALKKAYDLEDNWETLNDNLKVIEKADNAAQVKDALTKMRAAALD
AQKATPPKLEDKSPDSPEMKDFRHGFDILVGQIDDALKLANEGKVKEAQAAAEQLKTTRNAYIQKYLERARSTLDKLNDD
IFKIIMAIVLFFFFSWIPHQIFTFLDVLIQLGIIRDCRIADIVDTAMPITICIAYFNNCLNPLFYGFLGKKFKRYFLQLL
KYGGSSLEVLFQGPTETSQVAPA
;
A,B
2 'polypeptide(L)'
;EISEVQLVESGGGLVQPGGSLRLSCAASGFNVVDFSLHWVRQAPGKGLEWVAYISSSSGSTSYADSVKGRFTISADTSKN
TAYLQMNSLRAEDTAVYYCARWGYWPGEPWWKAFDYWGQGTLVTVSSASTKGPSVFPLAPSSKSTSGGTAALGCLVKDYF
PEPVTVSWNSGALTSGVHTFPAVLQSSGLYSLSSVVTVPSSSLGTQTYICNVNHKPSNTKVDKKVEPKSCD
;
C
3 'polypeptide(L)'
;DIQMTQSPSSLSASVGDRVTITCRASQSVSSAVAWYQQKPGKAPKLLIYSASSLYSGVPSRFSGSRSGTDFTLTISSLQP
EDFATYYCQQYLYYSLVTFGQGTKVEIKRTVAAPSVFIFPPSDEQLKSGTASVVCLLNNFYPREAKVQWKVDNALQSGNS
QESVTEQDSKDSTYSLSSTLTLSKADYEKHKVYACEVTHQGLSSPVTKSFNRGEC
;
D
#
# COMPACT_ATOMS: atom_id res chain seq x y z
N ILE A 163 21.74 29.53 -16.33
CA ILE A 163 20.55 30.20 -15.83
C ILE A 163 20.28 31.45 -16.64
N PHE A 164 21.36 32.12 -17.07
CA PHE A 164 21.21 33.33 -17.87
C PHE A 164 20.56 33.03 -19.22
N VAL A 165 20.91 31.90 -19.84
CA VAL A 165 20.33 31.50 -21.11
C VAL A 165 19.71 30.12 -21.08
N MET A 166 20.09 29.24 -20.14
CA MET A 166 19.47 27.92 -20.05
C MET A 166 18.00 28.01 -19.64
N ILE A 167 17.70 28.84 -18.64
CA ILE A 167 16.32 28.95 -18.17
C ILE A 167 15.38 29.52 -19.23
N PRO A 168 15.68 30.66 -19.87
CA PRO A 168 14.72 31.20 -20.85
C PRO A 168 14.47 30.29 -22.04
N THR A 169 15.40 29.40 -22.36
CA THR A 169 15.16 28.47 -23.47
C THR A 169 14.13 27.41 -23.09
N LEU A 170 14.19 26.90 -21.86
CA LEU A 170 13.21 25.91 -21.42
C LEU A 170 11.81 26.52 -21.37
N TYR A 171 11.69 27.75 -20.89
CA TYR A 171 10.38 28.42 -20.88
C TYR A 171 9.85 28.59 -22.29
N SER A 172 10.71 28.92 -23.25
CA SER A 172 10.28 29.02 -24.64
C SER A 172 9.82 27.68 -25.18
N ILE A 173 10.55 26.61 -24.86
CA ILE A 173 10.16 25.27 -25.29
C ILE A 173 8.83 24.88 -24.66
N ILE A 174 8.68 25.14 -23.36
CA ILE A 174 7.44 24.82 -22.66
C ILE A 174 6.28 25.61 -23.26
N PHE A 175 6.53 26.86 -23.66
CA PHE A 175 5.46 27.70 -24.18
C PHE A 175 4.94 27.18 -25.52
N VAL A 176 5.84 26.91 -26.47
CA VAL A 176 5.40 26.51 -27.80
C VAL A 176 4.81 25.11 -27.79
N VAL A 177 5.47 24.17 -27.10
CA VAL A 177 4.95 22.81 -27.04
C VAL A 177 3.66 22.76 -26.21
N GLY A 178 3.63 23.48 -25.10
CA GLY A 178 2.43 23.48 -24.27
C GLY A 178 1.24 24.10 -24.95
N ILE A 179 1.44 25.23 -25.63
CA ILE A 179 0.34 25.88 -26.34
C ILE A 179 -0.16 24.98 -27.47
N PHE A 180 0.77 24.41 -28.25
CA PHE A 180 0.38 23.48 -29.30
C PHE A 180 -0.25 22.23 -28.70
N GLY A 181 0.30 21.72 -27.61
CA GLY A 181 -0.19 20.50 -27.01
C GLY A 181 -1.51 20.65 -26.29
N ASN A 182 -1.58 21.57 -25.33
CA ASN A 182 -2.79 21.72 -24.53
C ASN A 182 -3.97 22.25 -25.34
N SER A 183 -3.72 22.80 -26.53
CA SER A 183 -4.83 23.20 -27.39
C SER A 183 -5.44 21.99 -28.09
N LEU A 184 -4.61 21.01 -28.47
CA LEU A 184 -5.14 19.79 -29.09
C LEU A 184 -5.91 18.94 -28.07
N VAL A 185 -5.45 18.94 -26.82
CA VAL A 185 -6.16 18.17 -25.79
C VAL A 185 -7.57 18.72 -25.60
N VAL A 186 -7.72 20.04 -25.56
CA VAL A 186 -9.05 20.63 -25.50
C VAL A 186 -9.86 20.23 -26.73
N ILE A 187 -9.22 20.26 -27.91
CA ILE A 187 -9.90 19.88 -29.14
C ILE A 187 -10.28 18.40 -29.11
N VAL A 188 -9.34 17.55 -28.69
CA VAL A 188 -9.60 16.11 -28.67
C VAL A 188 -10.70 15.78 -27.68
N ILE A 189 -10.64 16.35 -26.48
CA ILE A 189 -11.64 16.05 -25.46
C ILE A 189 -13.00 16.58 -25.88
N TYR A 190 -13.04 17.73 -26.56
CA TYR A 190 -14.32 18.29 -26.98
C TYR A 190 -14.87 17.64 -28.24
N PHE A 191 -14.05 16.88 -28.97
CA PHE A 191 -14.51 16.21 -30.18
C PHE A 191 -14.45 14.70 -30.08
N TYR A 192 -13.30 14.13 -29.72
CA TYR A 192 -13.12 12.67 -29.76
C TYR A 192 -13.44 12.03 -28.41
N MET A 193 -12.72 12.43 -27.35
CA MET A 193 -13.00 11.91 -26.00
C MET A 193 -14.10 12.77 -25.37
N LYS A 194 -15.31 12.61 -25.94
CA LYS A 194 -16.42 13.48 -25.63
C LYS A 194 -16.72 13.50 -24.12
N LEU A 195 -17.26 14.62 -23.66
CA LEU A 195 -17.48 14.84 -22.23
C LEU A 195 -18.68 14.01 -21.78
N LYS A 196 -18.40 12.73 -21.53
CA LYS A 196 -19.40 11.81 -20.99
C LYS A 196 -19.01 11.27 -19.63
N THR A 197 -17.86 11.66 -19.09
CA THR A 197 -17.39 11.17 -17.81
C THR A 197 -16.78 12.33 -17.02
N VAL A 198 -16.64 12.12 -15.71
CA VAL A 198 -16.06 13.13 -14.84
C VAL A 198 -14.58 13.34 -15.16
N ALA A 199 -13.88 12.26 -15.52
CA ALA A 199 -12.45 12.37 -15.81
C ALA A 199 -12.20 13.29 -17.00
N SER A 200 -13.05 13.23 -18.02
CA SER A 200 -12.90 14.11 -19.17
C SER A 200 -13.06 15.57 -18.76
N VAL A 201 -14.04 15.86 -17.91
CA VAL A 201 -14.25 17.23 -17.46
C VAL A 201 -13.05 17.73 -16.67
N PHE A 202 -12.53 16.90 -15.76
CA PHE A 202 -11.38 17.31 -14.96
C PHE A 202 -10.14 17.49 -15.83
N LEU A 203 -9.94 16.62 -16.82
CA LEU A 203 -8.79 16.78 -17.71
C LEU A 203 -8.93 18.04 -18.57
N LEU A 204 -10.15 18.37 -18.99
CA LEU A 204 -10.37 19.61 -19.71
C LEU A 204 -10.04 20.82 -18.85
N ASN A 205 -10.48 20.81 -17.59
CA ASN A 205 -10.14 21.91 -16.69
C ASN A 205 -8.64 22.00 -16.46
N LEU A 206 -7.96 20.85 -16.34
CA LEU A 206 -6.52 20.85 -16.20
C LEU A 206 -5.84 21.45 -17.43
N ALA A 207 -6.34 21.11 -18.62
CA ALA A 207 -5.78 21.68 -19.84
C ALA A 207 -6.00 23.20 -19.88
N LEU A 208 -7.16 23.66 -19.45
CA LEU A 208 -7.41 25.11 -19.42
C LEU A 208 -6.48 25.81 -18.44
N ALA A 209 -6.26 25.23 -17.26
CA ALA A 209 -5.32 25.82 -16.30
C ALA A 209 -3.92 25.88 -16.88
N ASP A 210 -3.49 24.81 -17.55
CA ASP A 210 -2.19 24.80 -18.21
C ASP A 210 -2.12 25.88 -19.27
N LEU A 211 -3.20 26.05 -20.04
CA LEU A 211 -3.22 27.08 -21.08
C LEU A 211 -3.06 28.47 -20.48
N CYS A 212 -3.74 28.75 -19.37
CA CYS A 212 -3.61 30.06 -18.74
C CYS A 212 -2.18 30.30 -18.25
N PHE A 213 -1.59 29.29 -17.59
CA PHE A 213 -0.22 29.46 -17.14
C PHE A 213 0.73 29.66 -18.30
N LEU A 214 0.54 28.92 -19.39
CA LEU A 214 1.41 29.09 -20.55
C LEU A 214 1.21 30.43 -21.22
N LEU A 215 -0.01 30.99 -21.15
CA LEU A 215 -0.22 32.35 -21.65
C LEU A 215 0.59 33.34 -20.85
N THR A 216 0.65 33.18 -19.54
CA THR A 216 1.43 34.12 -18.73
C THR A 216 2.93 33.77 -18.69
N LEU A 217 3.33 32.61 -19.18
CA LEU A 217 4.73 32.20 -19.10
C LEU A 217 5.74 33.09 -19.85
N PRO A 218 5.48 33.54 -21.08
CA PRO A 218 6.53 34.32 -21.78
C PRO A 218 6.96 35.57 -21.04
N LEU A 219 6.09 36.14 -20.20
CA LEU A 219 6.51 37.25 -19.35
C LEU A 219 7.69 36.86 -18.48
N TRP A 220 7.58 35.73 -17.77
CA TRP A 220 8.68 35.28 -16.93
C TRP A 220 9.87 34.83 -17.76
N ALA A 221 9.62 34.29 -18.96
CA ALA A 221 10.72 33.93 -19.84
C ALA A 221 11.57 35.16 -20.19
N VAL A 222 10.91 36.26 -20.57
CA VAL A 222 11.62 37.50 -20.88
C VAL A 222 12.28 38.06 -19.64
N TYR A 223 11.58 37.99 -18.50
CA TYR A 223 12.13 38.53 -17.25
C TYR A 223 13.42 37.83 -16.87
N THR A 224 13.46 36.50 -17.00
CA THR A 224 14.68 35.77 -16.68
C THR A 224 15.75 35.93 -17.75
N ALA A 225 15.34 36.11 -19.01
CA ALA A 225 16.31 36.33 -20.07
C ALA A 225 17.10 37.61 -19.85
N MET A 226 16.42 38.68 -19.44
CA MET A 226 17.05 39.97 -19.17
C MET A 226 17.79 40.01 -17.84
N GLU A 227 18.01 38.87 -17.21
CA GLU A 227 18.69 38.78 -15.91
C GLU A 227 17.95 39.58 -14.84
N TYR A 228 16.70 39.17 -14.62
CA TYR A 228 15.89 39.61 -13.49
C TYR A 228 15.66 41.13 -13.52
N ARG A 229 15.11 41.59 -14.65
CA ARG A 229 14.65 42.96 -14.79
C ARG A 229 13.24 42.91 -15.38
N TRP A 230 12.31 43.61 -14.75
CA TRP A 230 10.90 43.48 -15.06
C TRP A 230 10.36 44.75 -15.69
N PRO A 231 10.24 44.83 -17.01
CA PRO A 231 9.68 46.02 -17.66
C PRO A 231 8.19 45.97 -17.95
N PHE A 232 7.48 44.92 -17.52
CA PHE A 232 6.09 44.72 -17.92
C PHE A 232 5.10 45.48 -17.04
N GLY A 233 5.56 46.18 -16.00
CA GLY A 233 4.70 46.97 -15.16
C GLY A 233 4.44 46.30 -13.82
N ASN A 234 3.60 46.95 -13.02
CA ASN A 234 3.26 46.48 -11.68
C ASN A 234 2.05 45.56 -11.69
N TYR A 235 0.99 45.97 -12.38
CA TYR A 235 -0.19 45.13 -12.51
C TYR A 235 0.16 43.81 -13.18
N LEU A 236 0.98 43.86 -14.23
CA LEU A 236 1.41 42.63 -14.87
C LEU A 236 2.33 41.82 -13.94
N CYS A 237 3.12 42.48 -13.11
CA CYS A 237 3.97 41.76 -12.16
C CYS A 237 3.13 40.97 -11.16
N LYS A 238 2.04 41.55 -10.67
CA LYS A 238 1.21 40.78 -9.74
C LYS A 238 0.33 39.76 -10.46
N ILE A 239 -0.13 40.06 -11.67
CA ILE A 239 -0.99 39.11 -12.39
C ILE A 239 -0.21 37.88 -12.83
N ALA A 240 1.02 38.08 -13.33
CA ALA A 240 1.84 36.96 -13.78
C ALA A 240 2.34 36.10 -12.64
N SER A 241 2.22 36.55 -11.39
CA SER A 241 2.51 35.74 -10.22
C SER A 241 1.27 35.07 -9.66
N ALA A 242 0.13 35.78 -9.70
CA ALA A 242 -1.14 35.15 -9.39
C ALA A 242 -1.42 33.98 -10.31
N SER A 243 -1.03 34.11 -11.59
CA SER A 243 -1.23 33.01 -12.54
C SER A 243 -0.42 31.78 -12.16
N VAL A 244 0.83 31.98 -11.74
CA VAL A 244 1.68 30.86 -11.36
C VAL A 244 1.15 30.17 -10.10
N SER A 245 0.77 30.97 -9.09
CA SER A 245 0.22 30.40 -7.87
C SER A 245 -1.10 29.68 -8.16
N PHE A 246 -1.95 30.27 -8.99
CA PHE A 246 -3.20 29.64 -9.38
C PHE A 246 -2.94 28.33 -10.12
N ASN A 247 -1.94 28.31 -10.99
CA ASN A 247 -1.63 27.08 -11.73
C ASN A 247 -1.24 25.97 -10.77
N LEU A 248 -0.37 26.27 -9.81
CA LEU A 248 0.02 25.26 -8.83
C LEU A 248 -1.19 24.73 -8.07
N TYR A 249 -2.00 25.64 -7.53
CA TYR A 249 -3.11 25.20 -6.67
C TYR A 249 -4.19 24.49 -7.47
N ALA A 250 -4.53 25.00 -8.66
CA ALA A 250 -5.52 24.34 -9.50
C ALA A 250 -5.04 22.97 -9.92
N SER A 251 -3.75 22.83 -10.26
CA SER A 251 -3.22 21.53 -10.64
C SER A 251 -3.33 20.54 -9.51
N VAL A 252 -2.92 20.93 -8.29
CA VAL A 252 -2.97 19.97 -7.19
C VAL A 252 -4.42 19.60 -6.86
N PHE A 253 -5.33 20.58 -6.88
CA PHE A 253 -6.73 20.29 -6.56
C PHE A 253 -7.36 19.39 -7.61
N LEU A 254 -7.11 19.67 -8.90
CA LEU A 254 -7.67 18.82 -9.95
C LEU A 254 -7.07 17.42 -9.93
N LEU A 255 -5.79 17.29 -9.57
CA LEU A 255 -5.21 15.96 -9.45
C LEU A 255 -5.83 15.18 -8.29
N THR A 256 -6.10 15.85 -7.16
CA THR A 256 -6.80 15.17 -6.08
C THR A 256 -8.21 14.75 -6.50
N CYS A 257 -8.91 15.62 -7.21
CA CYS A 257 -10.25 15.28 -7.69
C CYS A 257 -10.20 14.11 -8.67
N LEU A 258 -9.19 14.08 -9.54
CA LEU A 258 -9.04 12.97 -10.47
C LEU A 258 -8.75 11.67 -9.75
N SER A 259 -7.88 11.71 -8.73
CA SER A 259 -7.58 10.50 -7.97
C SER A 259 -8.82 10.00 -7.24
N ILE A 260 -9.59 10.90 -6.64
CA ILE A 260 -10.81 10.51 -5.96
C ILE A 260 -11.82 9.94 -6.96
N ASP A 261 -11.89 10.53 -8.15
CA ASP A 261 -12.79 10.01 -9.19
C ASP A 261 -12.38 8.60 -9.61
N ARG A 262 -11.07 8.36 -9.79
CA ARG A 262 -10.61 7.02 -10.14
C ARG A 262 -10.92 6.03 -9.04
N TYR A 263 -10.69 6.42 -7.78
CA TYR A 263 -11.00 5.52 -6.67
C TYR A 263 -12.48 5.19 -6.62
N LEU A 264 -13.35 6.19 -6.81
CA LEU A 264 -14.78 5.93 -6.82
C LEU A 264 -15.18 5.04 -7.99
N ALA A 265 -14.59 5.27 -9.16
CA ALA A 265 -14.99 4.52 -10.35
C ALA A 265 -14.51 3.08 -10.31
N ILE A 266 -13.41 2.82 -9.61
CA ILE A 266 -12.86 1.47 -9.54
C ILE A 266 -13.46 0.71 -8.36
N VAL A 267 -13.30 1.26 -7.15
CA VAL A 267 -13.67 0.52 -5.95
C VAL A 267 -15.18 0.56 -5.70
N HIS A 268 -15.86 1.62 -6.13
CA HIS A 268 -17.30 1.79 -5.88
C HIS A 268 -18.03 2.02 -7.21
N PRO A 269 -18.10 1.00 -8.07
CA PRO A 269 -18.78 1.18 -9.36
C PRO A 269 -20.28 1.39 -9.22
N THR A 277 -21.63 11.64 -11.62
CA THR A 277 -22.63 12.66 -11.94
C THR A 277 -21.95 13.90 -12.52
N MET A 278 -22.46 14.38 -13.65
CA MET A 278 -21.88 15.55 -14.29
C MET A 278 -22.10 16.81 -13.47
N LEU A 279 -23.24 16.92 -12.78
CA LEU A 279 -23.49 18.10 -11.95
C LEU A 279 -22.45 18.22 -10.84
N VAL A 280 -22.11 17.10 -10.21
CA VAL A 280 -21.09 17.10 -9.18
C VAL A 280 -19.75 17.53 -9.76
N ALA A 281 -19.42 17.05 -10.96
CA ALA A 281 -18.16 17.43 -11.60
C ALA A 281 -18.11 18.93 -11.88
N LYS A 282 -19.22 19.49 -12.39
CA LYS A 282 -19.24 20.92 -12.70
C LYS A 282 -19.13 21.76 -11.44
N VAL A 283 -19.85 21.38 -10.37
CA VAL A 283 -19.75 22.12 -9.11
C VAL A 283 -18.36 22.00 -8.54
N THR A 284 -17.74 20.82 -8.65
CA THR A 284 -16.39 20.64 -8.16
C THR A 284 -15.40 21.50 -8.93
N CYS A 285 -15.56 21.60 -10.25
CA CYS A 285 -14.69 22.45 -11.05
C CYS A 285 -14.86 23.92 -10.66
N ILE A 286 -16.10 24.35 -10.41
CA ILE A 286 -16.33 25.72 -9.95
C ILE A 286 -15.61 25.96 -8.63
N ILE A 287 -15.77 25.02 -7.69
CA ILE A 287 -15.14 25.17 -6.37
C ILE A 287 -13.62 25.19 -6.50
N ILE A 288 -13.07 24.37 -7.39
CA ILE A 288 -11.62 24.32 -7.55
C ILE A 288 -11.09 25.62 -8.16
N TRP A 289 -11.75 26.12 -9.20
CA TRP A 289 -11.30 27.36 -9.83
C TRP A 289 -11.55 28.57 -8.95
N LEU A 290 -12.41 28.45 -7.94
CA LEU A 290 -12.53 29.54 -6.97
C LEU A 290 -11.51 29.41 -5.83
N LEU A 291 -11.27 28.19 -5.36
CA LEU A 291 -10.32 27.98 -4.27
C LEU A 291 -8.89 28.27 -4.70
N ALA A 292 -8.55 27.91 -5.94
CA ALA A 292 -7.20 28.21 -6.43
C ALA A 292 -7.00 29.72 -6.56
N GLY A 293 -8.01 30.44 -7.03
CA GLY A 293 -7.91 31.89 -7.10
C GLY A 293 -7.85 32.54 -5.73
N LEU A 294 -8.59 32.01 -4.76
CA LEU A 294 -8.57 32.58 -3.42
C LEU A 294 -7.27 32.24 -2.68
N ALA A 295 -6.64 31.11 -3.03
CA ALA A 295 -5.36 30.75 -2.44
C ALA A 295 -4.19 31.44 -3.13
N SER A 296 -4.41 32.04 -4.31
CA SER A 296 -3.40 32.85 -4.97
C SER A 296 -3.52 34.31 -4.62
N LEU A 297 -4.16 34.63 -3.50
CA LEU A 297 -4.25 36.01 -3.05
C LEU A 297 -2.93 36.62 -2.57
N PRO A 298 -1.99 35.86 -2.00
CA PRO A 298 -0.70 36.50 -1.65
C PRO A 298 -0.05 37.19 -2.83
N ALA A 299 -0.08 36.56 -4.01
CA ALA A 299 0.52 37.14 -5.20
C ALA A 299 -0.26 38.34 -5.72
N ILE A 300 -1.51 38.52 -5.28
CA ILE A 300 -2.28 39.66 -5.73
C ILE A 300 -2.18 40.84 -4.75
N ILE A 301 -2.12 40.56 -3.45
CA ILE A 301 -2.08 41.62 -2.45
C ILE A 301 -0.67 41.94 -1.97
N HIS A 302 0.34 41.20 -2.44
CA HIS A 302 1.71 41.46 -2.02
C HIS A 302 2.65 41.77 -3.17
N ARG A 303 2.62 40.99 -4.24
CA ARG A 303 3.57 41.16 -5.34
C ARG A 303 3.48 42.56 -5.96
N ASN A 304 4.62 43.22 -6.07
CA ASN A 304 4.72 44.53 -6.71
C ASN A 304 6.12 44.67 -7.27
N VAL A 305 6.28 45.66 -8.15
CA VAL A 305 7.60 45.97 -8.67
C VAL A 305 8.40 46.73 -7.62
N PHE A 306 9.66 46.34 -7.45
CA PHE A 306 10.54 46.94 -6.47
C PHE A 306 11.82 47.39 -7.15
N PHE A 307 12.20 48.64 -6.93
CA PHE A 307 13.42 49.21 -7.49
C PHE A 307 14.57 48.93 -6.55
N ILE A 308 15.58 48.21 -7.05
CA ILE A 308 16.72 47.84 -6.24
C ILE A 308 17.57 49.08 -5.99
N GLU A 309 17.45 49.65 -4.79
CA GLU A 309 18.20 50.84 -4.38
C GLU A 309 18.05 51.99 -5.38
N ASN A 310 19.14 52.69 -5.65
CA ASN A 310 19.15 53.77 -6.63
C ASN A 310 19.41 53.28 -8.05
N THR A 311 19.76 52.00 -8.23
CA THR A 311 19.96 51.46 -9.56
C THR A 311 18.63 51.41 -10.30
N ASN A 312 18.71 51.46 -11.63
CA ASN A 312 17.52 51.40 -12.46
C ASN A 312 16.93 49.99 -12.54
N ILE A 313 17.42 49.05 -11.73
CA ILE A 313 16.91 47.69 -11.76
C ILE A 313 15.52 47.64 -11.17
N THR A 314 14.64 46.84 -11.78
CA THR A 314 13.29 46.61 -11.29
C THR A 314 13.06 45.12 -11.17
N VAL A 315 12.49 44.69 -10.04
CA VAL A 315 12.21 43.29 -9.80
C VAL A 315 10.77 43.16 -9.32
N CYS A 316 10.17 42.00 -9.58
CA CYS A 316 8.81 41.70 -9.15
C CYS A 316 8.88 41.03 -7.78
N ALA A 317 9.00 41.87 -6.75
CA ALA A 317 9.26 41.40 -5.40
C ALA A 317 7.95 41.03 -4.69
N PHE A 318 8.07 40.65 -3.42
CA PHE A 318 6.94 40.20 -2.59
C PHE A 318 6.99 41.01 -1.30
N HIS A 319 6.33 42.17 -1.31
CA HIS A 319 6.38 43.08 -0.17
C HIS A 319 5.44 42.61 0.94
N TYR A 320 5.81 42.94 2.17
CA TYR A 320 4.93 42.72 3.32
C TYR A 320 5.34 43.68 4.43
N GLU A 321 4.35 44.29 5.08
CA GLU A 321 4.60 45.30 6.09
C GLU A 321 4.80 44.63 7.45
N SER A 322 4.92 45.44 8.51
CA SER A 322 5.08 44.88 9.85
C SER A 322 3.81 44.19 10.31
N GLN A 323 2.65 44.70 9.94
CA GLN A 323 1.40 44.04 10.28
C GLN A 323 1.31 42.66 9.62
N ASN A 324 1.76 42.55 8.37
CA ASN A 324 1.74 41.29 7.64
C ASN A 324 3.03 40.52 7.88
N SER A 325 3.33 40.31 9.16
CA SER A 325 4.52 39.57 9.53
C SER A 325 4.37 38.09 9.17
N THR A 326 5.46 37.34 9.31
CA THR A 326 5.56 35.90 9.07
C THR A 326 5.05 35.53 7.67
N LEU A 327 4.91 36.53 6.79
CA LEU A 327 4.44 36.27 5.45
C LEU A 327 5.33 35.32 4.65
N PRO A 328 6.67 35.41 4.67
CA PRO A 328 7.48 34.41 3.97
C PRO A 328 7.28 33.01 4.52
N ILE A 329 7.34 32.86 5.84
CA ILE A 329 7.14 31.56 6.46
C ILE A 329 5.73 31.05 6.20
N GLY A 330 4.73 31.94 6.31
CA GLY A 330 3.36 31.53 6.05
C GLY A 330 3.16 31.07 4.62
N LEU A 331 3.74 31.80 3.66
CA LEU A 331 3.62 31.42 2.26
C LEU A 331 4.31 30.08 2.00
N GLY A 332 5.50 29.89 2.57
CA GLY A 332 6.19 28.62 2.41
C GLY A 332 5.40 27.46 2.97
N LEU A 333 4.82 27.65 4.16
CA LEU A 333 4.01 26.59 4.76
C LEU A 333 2.75 26.32 3.94
N THR A 334 2.10 27.37 3.44
CA THR A 334 0.93 27.17 2.61
C THR A 334 1.27 26.39 1.34
N LYS A 335 2.42 26.69 0.73
CA LYS A 335 2.86 25.92 -0.43
C LYS A 335 3.18 24.48 -0.06
N ASN A 336 3.76 24.26 1.11
CA ASN A 336 4.25 22.92 1.46
C ASN A 336 3.14 21.98 1.92
N ILE A 337 2.36 22.38 2.93
CA ILE A 337 1.40 21.46 3.53
C ILE A 337 0.02 21.59 2.88
N LEU A 338 -0.49 22.80 2.70
CA LEU A 338 -1.83 22.96 2.15
C LEU A 338 -1.84 22.74 0.64
N GLY A 339 -0.75 23.13 -0.04
CA GLY A 339 -0.73 23.01 -1.48
C GLY A 339 -0.19 21.67 -1.96
N PHE A 340 0.70 21.06 -1.18
CA PHE A 340 1.38 19.84 -1.63
C PHE A 340 1.15 18.65 -0.71
N LEU A 341 1.33 18.80 0.60
CA LEU A 341 1.36 17.64 1.49
C LEU A 341 0.00 17.00 1.61
N PHE A 342 -1.04 17.79 1.89
CA PHE A 342 -2.38 17.22 2.00
C PHE A 342 -2.86 16.61 0.68
N PRO A 343 -2.71 17.27 -0.48
CA PRO A 343 -3.04 16.59 -1.74
C PRO A 343 -2.28 15.30 -1.94
N PHE A 344 -0.98 15.29 -1.58
CA PHE A 344 -0.19 14.08 -1.76
C PHE A 344 -0.69 12.95 -0.87
N LEU A 345 -1.04 13.25 0.37
CA LEU A 345 -1.57 12.23 1.27
C LEU A 345 -2.91 11.69 0.77
N ILE A 346 -3.79 12.58 0.30
CA ILE A 346 -5.08 12.12 -0.21
C ILE A 346 -4.90 11.23 -1.44
N ILE A 347 -4.00 11.64 -2.34
CA ILE A 347 -3.76 10.85 -3.55
C ILE A 347 -3.16 9.50 -3.19
N LEU A 348 -2.21 9.48 -2.24
CA LEU A 348 -1.61 8.22 -1.83
C LEU A 348 -2.65 7.30 -1.20
N THR A 349 -3.54 7.85 -0.37
CA THR A 349 -4.59 7.03 0.24
C THR A 349 -5.50 6.44 -0.83
N SER A 350 -5.92 7.26 -1.79
CA SER A 350 -6.82 6.79 -2.84
C SER A 350 -6.15 5.70 -3.68
N TYR A 351 -4.88 5.89 -4.04
CA TYR A 351 -4.20 4.90 -4.87
C TYR A 351 -3.86 3.65 -4.08
N THR A 352 -3.63 3.77 -2.77
CA THR A 352 -3.45 2.57 -1.95
C THR A 352 -4.73 1.75 -1.86
N LEU A 353 -5.87 2.43 -1.71
CA LEU A 353 -7.15 1.71 -1.73
C LEU A 353 -7.39 1.06 -3.09
N ILE A 354 -7.05 1.77 -4.17
CA ILE A 354 -7.19 1.20 -5.51
C ILE A 354 -6.31 -0.04 -5.65
N TRP A 355 -5.07 0.03 -5.15
CA TRP A 355 -4.17 -1.11 -5.21
C TRP A 355 -4.69 -2.29 -4.40
N LYS A 356 -5.27 -2.02 -3.23
CA LYS A 356 -5.86 -3.09 -2.43
C LYS A 356 -7.00 -3.77 -3.18
N ALA A 357 -7.89 -2.98 -3.78
CA ALA A 357 -8.99 -3.56 -4.54
C ALA A 357 -8.50 -4.36 -5.73
N LEU A 358 -7.50 -3.83 -6.45
CA LEU A 358 -6.95 -4.55 -7.59
C LEU A 358 -6.26 -5.84 -7.16
N LYS A 359 -5.57 -5.82 -6.03
CA LYS A 359 -4.93 -7.04 -5.53
C LYS A 359 -5.95 -8.09 -5.15
N LYS A 360 -7.04 -7.69 -4.48
CA LYS A 360 -8.10 -8.65 -4.16
C LYS A 360 -8.70 -9.25 -5.42
N ALA A 361 -9.01 -8.39 -6.41
CA ALA A 361 -9.61 -8.88 -7.65
C ALA A 361 -8.66 -9.80 -8.40
N TYR A 362 -7.37 -9.46 -8.43
CA TYR A 362 -6.41 -10.31 -9.12
C TYR A 362 -6.21 -11.63 -8.40
N ASP A 363 -6.24 -11.62 -7.07
CA ASP A 363 -6.16 -12.88 -6.33
C ASP A 363 -7.33 -13.79 -6.68
N LEU A 364 -8.54 -13.23 -6.69
CA LEU A 364 -9.72 -14.04 -7.05
C LEU A 364 -9.60 -14.56 -8.48
N GLU A 365 -9.21 -13.70 -9.41
CA GLU A 365 -9.13 -14.09 -10.81
C GLU A 365 -8.06 -15.15 -11.03
N ASP A 366 -6.90 -15.01 -10.40
CA ASP A 366 -5.82 -15.97 -10.55
C ASP A 366 -6.20 -17.32 -9.95
N ASN A 367 -6.81 -17.31 -8.75
CA ASN A 367 -7.23 -18.56 -8.16
C ASN A 367 -8.27 -19.27 -9.01
N TRP A 368 -9.23 -18.52 -9.56
CA TRP A 368 -10.22 -19.16 -10.41
C TRP A 368 -9.63 -19.62 -11.74
N GLU A 369 -8.63 -18.92 -12.26
CA GLU A 369 -7.97 -19.39 -13.47
C GLU A 369 -7.21 -20.69 -13.21
N THR A 370 -6.56 -20.80 -12.06
CA THR A 370 -5.93 -22.06 -11.68
C THR A 370 -6.97 -23.17 -11.58
N LEU A 371 -8.11 -22.88 -10.94
CA LEU A 371 -9.17 -23.86 -10.79
C LEU A 371 -9.69 -24.30 -12.15
N ASN A 372 -9.89 -23.37 -13.08
CA ASN A 372 -10.42 -23.71 -14.39
C ASN A 372 -9.40 -24.50 -15.21
N ASP A 373 -8.12 -24.14 -15.13
CA ASP A 373 -7.09 -24.88 -15.83
C ASP A 373 -7.03 -26.32 -15.32
N ASN A 374 -7.12 -26.51 -14.00
CA ASN A 374 -7.10 -27.86 -13.47
C ASN A 374 -8.38 -28.63 -13.80
N LEU A 375 -9.51 -27.93 -13.91
CA LEU A 375 -10.73 -28.58 -14.37
C LEU A 375 -10.58 -29.08 -15.80
N LYS A 376 -10.00 -28.25 -16.67
CA LYS A 376 -9.72 -28.69 -18.04
C LYS A 376 -8.74 -29.84 -18.07
N VAL A 377 -7.77 -29.85 -17.16
CA VAL A 377 -6.86 -30.98 -17.03
C VAL A 377 -7.63 -32.24 -16.66
N ILE A 378 -8.61 -32.11 -15.76
CA ILE A 378 -9.45 -33.25 -15.39
C ILE A 378 -10.21 -33.76 -16.61
N GLU A 379 -10.71 -32.84 -17.45
CA GLU A 379 -11.45 -33.25 -18.64
C GLU A 379 -10.57 -34.10 -19.56
N LYS A 380 -9.33 -33.68 -19.78
CA LYS A 380 -8.38 -34.44 -20.60
C LYS A 380 -7.46 -35.26 -19.71
N ALA A 381 -8.07 -36.21 -19.00
CA ALA A 381 -7.33 -37.09 -18.09
C ALA A 381 -7.78 -38.52 -18.30
N ASP A 382 -6.86 -39.45 -18.03
CA ASP A 382 -7.11 -40.88 -18.21
C ASP A 382 -7.09 -41.66 -16.90
N ASN A 383 -6.01 -41.57 -16.14
CA ASN A 383 -5.88 -42.28 -14.89
C ASN A 383 -6.35 -41.44 -13.71
N ALA A 384 -6.51 -42.09 -12.56
CA ALA A 384 -6.96 -41.40 -11.36
C ALA A 384 -5.88 -40.55 -10.72
N ALA A 385 -4.61 -40.78 -11.06
CA ALA A 385 -3.53 -40.00 -10.46
C ALA A 385 -3.54 -38.56 -10.94
N GLN A 386 -3.67 -38.36 -12.25
CA GLN A 386 -3.76 -37.00 -12.79
C GLN A 386 -5.01 -36.30 -12.29
N VAL A 387 -6.14 -37.03 -12.24
CA VAL A 387 -7.37 -36.47 -11.70
C VAL A 387 -7.18 -36.06 -10.24
N LYS A 388 -6.51 -36.92 -9.46
CA LYS A 388 -6.29 -36.61 -8.05
C LYS A 388 -5.42 -35.37 -7.87
N ASP A 389 -4.34 -35.27 -8.65
CA ASP A 389 -3.48 -34.11 -8.55
C ASP A 389 -4.20 -32.82 -8.97
N ALA A 390 -4.96 -32.89 -10.05
CA ALA A 390 -5.73 -31.73 -10.48
C ALA A 390 -6.76 -31.32 -9.44
N LEU A 391 -7.41 -32.31 -8.81
CA LEU A 391 -8.39 -32.01 -7.77
C LEU A 391 -7.72 -31.39 -6.55
N THR A 392 -6.50 -31.86 -6.21
CA THR A 392 -5.76 -31.24 -5.12
C THR A 392 -5.47 -29.77 -5.40
N LYS A 393 -4.98 -29.49 -6.60
CA LYS A 393 -4.70 -28.10 -6.98
C LYS A 393 -5.97 -27.27 -7.00
N MET A 394 -7.08 -27.86 -7.47
CA MET A 394 -8.35 -27.16 -7.50
C MET A 394 -8.84 -26.83 -6.10
N ARG A 395 -8.70 -27.78 -5.16
CA ARG A 395 -9.14 -27.53 -3.80
C ARG A 395 -8.31 -26.44 -3.13
N ALA A 396 -6.99 -26.47 -3.35
CA ALA A 396 -6.15 -25.40 -2.83
C ALA A 396 -6.54 -24.05 -3.42
N ALA A 397 -6.80 -24.00 -4.73
CA ALA A 397 -7.20 -22.76 -5.37
C ALA A 397 -8.53 -22.26 -4.84
N ALA A 398 -9.49 -23.16 -4.63
CA ALA A 398 -10.79 -22.76 -4.11
C ALA A 398 -10.69 -22.24 -2.68
N LEU A 399 -9.88 -22.90 -1.84
CA LEU A 399 -9.69 -22.41 -0.48
C LEU A 399 -9.02 -21.04 -0.48
N ASP A 400 -8.05 -20.83 -1.37
CA ASP A 400 -7.44 -19.50 -1.48
C ASP A 400 -8.44 -18.46 -1.97
N ALA A 401 -9.26 -18.82 -2.94
CA ALA A 401 -10.20 -17.85 -3.51
C ALA A 401 -11.30 -17.48 -2.53
N GLN A 402 -11.72 -18.41 -1.68
CA GLN A 402 -12.72 -18.09 -0.67
C GLN A 402 -12.25 -17.00 0.28
N LYS A 403 -10.94 -16.83 0.45
CA LYS A 403 -10.40 -15.78 1.30
C LYS A 403 -10.32 -14.44 0.60
N ALA A 404 -10.43 -14.41 -0.72
CA ALA A 404 -10.34 -13.16 -1.48
C ALA A 404 -11.73 -12.52 -1.62
N THR A 405 -12.30 -12.16 -0.47
CA THR A 405 -13.61 -11.54 -0.45
C THR A 405 -13.53 -10.16 -1.11
N PRO A 406 -14.44 -9.82 -2.02
CA PRO A 406 -14.40 -8.51 -2.66
C PRO A 406 -14.61 -7.40 -1.65
N PRO A 407 -13.93 -6.26 -1.82
CA PRO A 407 -14.08 -5.15 -0.86
C PRO A 407 -15.46 -4.52 -0.93
N LYS A 408 -16.25 -4.69 0.13
CA LYS A 408 -17.60 -4.15 0.21
C LYS A 408 -18.46 -4.63 -0.95
N SER A 416 -26.69 -11.12 5.91
CA SER A 416 -26.00 -10.10 5.15
C SER A 416 -25.91 -10.47 3.68
N PRO A 417 -26.08 -9.49 2.79
CA PRO A 417 -25.99 -9.74 1.35
C PRO A 417 -24.63 -10.31 0.95
N GLU A 418 -23.57 -9.58 1.27
CA GLU A 418 -22.21 -10.04 1.00
C GLU A 418 -21.68 -10.81 2.20
N MET A 419 -20.54 -11.47 1.99
CA MET A 419 -19.87 -12.29 2.99
C MET A 419 -20.72 -13.48 3.45
N LYS A 420 -21.85 -13.73 2.79
CA LYS A 420 -22.71 -14.86 3.11
C LYS A 420 -23.14 -15.67 1.90
N ASP A 421 -23.14 -15.10 0.70
CA ASP A 421 -23.41 -15.85 -0.52
C ASP A 421 -22.14 -16.17 -1.30
N PHE A 422 -21.12 -15.31 -1.20
CA PHE A 422 -19.81 -15.62 -1.75
C PHE A 422 -19.19 -16.81 -1.03
N ARG A 423 -19.13 -16.74 0.30
CA ARG A 423 -18.55 -17.82 1.08
C ARG A 423 -19.39 -19.08 0.99
N HIS A 424 -20.72 -18.96 0.96
CA HIS A 424 -21.57 -20.13 0.80
C HIS A 424 -21.36 -20.78 -0.56
N GLY A 425 -21.22 -19.98 -1.61
CA GLY A 425 -20.94 -20.53 -2.92
C GLY A 425 -19.62 -21.27 -2.96
N PHE A 426 -18.59 -20.70 -2.34
CA PHE A 426 -17.30 -21.40 -2.33
C PHE A 426 -17.33 -22.62 -1.41
N ASP A 427 -18.13 -22.60 -0.36
CA ASP A 427 -18.31 -23.81 0.45
C ASP A 427 -18.94 -24.93 -0.37
N ILE A 428 -19.96 -24.60 -1.16
CA ILE A 428 -20.56 -25.58 -2.06
C ILE A 428 -19.52 -26.09 -3.05
N LEU A 429 -18.71 -25.18 -3.60
CA LEU A 429 -17.69 -25.56 -4.56
C LEU A 429 -16.67 -26.53 -3.97
N VAL A 430 -16.19 -26.22 -2.76
CA VAL A 430 -15.20 -27.10 -2.12
C VAL A 430 -15.84 -28.41 -1.70
N GLY A 431 -17.12 -28.41 -1.34
CA GLY A 431 -17.80 -29.67 -1.09
C GLY A 431 -17.88 -30.55 -2.32
N GLN A 432 -18.14 -29.94 -3.48
CA GLN A 432 -18.15 -30.72 -4.72
C GLN A 432 -16.75 -31.22 -5.07
N ILE A 433 -15.73 -30.40 -4.82
CA ILE A 433 -14.36 -30.85 -5.04
C ILE A 433 -14.02 -32.03 -4.12
N ASP A 434 -14.49 -31.97 -2.88
CA ASP A 434 -14.28 -33.09 -1.95
C ASP A 434 -14.98 -34.35 -2.42
N ASP A 435 -16.21 -34.20 -2.95
CA ASP A 435 -16.90 -35.37 -3.50
C ASP A 435 -16.14 -35.96 -4.69
N ALA A 436 -15.62 -35.11 -5.56
CA ALA A 436 -14.83 -35.58 -6.69
C ALA A 436 -13.57 -36.29 -6.22
N LEU A 437 -12.89 -35.74 -5.21
CA LEU A 437 -11.70 -36.39 -4.67
C LEU A 437 -12.03 -37.72 -4.04
N LYS A 438 -13.16 -37.79 -3.33
CA LYS A 438 -13.59 -39.06 -2.74
C LYS A 438 -13.85 -40.10 -3.81
N LEU A 439 -14.49 -39.72 -4.90
CA LEU A 439 -14.72 -40.66 -6.00
C LEU A 439 -13.42 -41.07 -6.66
N ALA A 440 -12.49 -40.13 -6.84
CA ALA A 440 -11.23 -40.43 -7.52
C ALA A 440 -10.35 -41.36 -6.68
N ASN A 441 -10.33 -41.18 -5.36
CA ASN A 441 -9.48 -42.01 -4.51
C ASN A 441 -9.92 -43.46 -4.53
N GLU A 442 -11.22 -43.71 -4.71
CA GLU A 442 -11.72 -45.09 -4.79
C GLU A 442 -11.29 -45.79 -6.07
N GLY A 443 -10.71 -45.07 -7.03
CA GLY A 443 -10.32 -45.63 -8.30
C GLY A 443 -11.22 -45.28 -9.46
N LYS A 444 -12.42 -44.76 -9.18
CA LYS A 444 -13.33 -44.37 -10.26
C LYS A 444 -12.86 -43.08 -10.90
N VAL A 445 -12.80 -43.07 -12.23
CA VAL A 445 -12.39 -41.89 -12.97
C VAL A 445 -13.56 -41.20 -13.64
N LYS A 446 -14.52 -41.98 -14.17
CA LYS A 446 -15.67 -41.39 -14.84
C LYS A 446 -16.51 -40.58 -13.86
N GLU A 447 -16.73 -41.10 -12.66
CA GLU A 447 -17.52 -40.35 -11.67
C GLU A 447 -16.78 -39.11 -11.19
N ALA A 448 -15.46 -39.19 -11.07
CA ALA A 448 -14.67 -38.01 -10.71
C ALA A 448 -14.79 -36.94 -11.77
N GLN A 449 -14.71 -37.34 -13.05
CA GLN A 449 -14.88 -36.36 -14.13
C GLN A 449 -16.30 -35.82 -14.17
N ALA A 450 -17.30 -36.64 -13.84
CA ALA A 450 -18.67 -36.14 -13.79
C ALA A 450 -18.84 -35.10 -12.69
N ALA A 451 -18.24 -35.34 -11.52
CA ALA A 451 -18.30 -34.34 -10.45
C ALA A 451 -17.56 -33.06 -10.84
N ALA A 452 -16.40 -33.20 -11.49
CA ALA A 452 -15.69 -32.03 -11.98
C ALA A 452 -16.54 -31.25 -12.99
N GLU A 453 -17.28 -31.97 -13.84
CA GLU A 453 -18.19 -31.31 -14.76
C GLU A 453 -19.29 -30.57 -14.01
N GLN A 454 -19.85 -31.19 -12.98
CA GLN A 454 -20.88 -30.53 -12.18
C GLN A 454 -20.32 -29.35 -11.38
N LEU A 455 -19.00 -29.26 -11.24
CA LEU A 455 -18.41 -28.16 -10.49
C LEU A 455 -18.70 -26.79 -11.09
N LYS A 456 -19.05 -26.71 -12.38
CA LYS A 456 -19.30 -25.41 -12.99
C LYS A 456 -20.71 -24.90 -12.77
N THR A 457 -21.64 -25.76 -12.34
CA THR A 457 -22.97 -25.29 -11.98
C THR A 457 -22.91 -24.34 -10.79
N THR A 458 -22.06 -24.64 -9.81
CA THR A 458 -21.87 -23.73 -8.68
C THR A 458 -21.32 -22.40 -9.14
N ARG A 459 -20.37 -22.41 -10.09
CA ARG A 459 -19.86 -21.17 -10.64
C ARG A 459 -20.98 -20.37 -11.30
N ASN A 460 -21.77 -21.02 -12.15
CA ASN A 460 -22.85 -20.33 -12.83
C ASN A 460 -23.94 -19.86 -11.88
N ALA A 461 -24.02 -20.43 -10.67
CA ALA A 461 -25.07 -20.08 -9.73
C ALA A 461 -24.64 -19.09 -8.66
N TYR A 462 -23.40 -19.17 -8.18
CA TYR A 462 -22.97 -18.36 -7.03
C TYR A 462 -21.78 -17.47 -7.32
N ILE A 463 -20.79 -17.93 -8.09
CA ILE A 463 -19.51 -17.24 -8.18
C ILE A 463 -19.34 -16.48 -9.49
N GLN A 464 -20.22 -16.68 -10.47
CA GLN A 464 -20.06 -16.00 -11.76
C GLN A 464 -20.18 -14.49 -11.61
N LYS A 465 -21.08 -14.04 -10.73
CA LYS A 465 -21.24 -12.60 -10.52
C LYS A 465 -19.95 -11.97 -10.01
N TYR A 466 -19.32 -12.60 -9.02
CA TYR A 466 -18.09 -12.06 -8.46
C TYR A 466 -16.93 -12.18 -9.43
N LEU A 467 -16.89 -13.24 -10.24
CA LEU A 467 -15.88 -13.33 -11.29
C LEU A 467 -16.03 -12.20 -12.31
N GLU A 468 -17.27 -11.90 -12.69
CA GLU A 468 -17.52 -10.80 -13.61
C GLU A 468 -17.11 -9.47 -12.99
N ARG A 469 -17.42 -9.27 -11.70
CA ARG A 469 -17.00 -8.04 -11.03
C ARG A 469 -15.49 -7.91 -10.99
N ALA A 470 -14.79 -9.01 -10.70
CA ALA A 470 -13.33 -8.97 -10.64
C ALA A 470 -12.74 -8.67 -12.01
N ARG A 471 -13.28 -9.29 -13.07
CA ARG A 471 -12.79 -9.01 -14.41
C ARG A 471 -13.09 -7.57 -14.80
N SER A 472 -14.24 -7.04 -14.41
CA SER A 472 -14.56 -5.64 -14.67
C SER A 472 -13.57 -4.71 -13.97
N THR A 473 -13.26 -4.99 -12.70
CA THR A 473 -12.30 -4.16 -11.97
C THR A 473 -10.92 -4.23 -12.62
N LEU A 474 -10.49 -5.42 -13.03
CA LEU A 474 -9.21 -5.54 -13.71
C LEU A 474 -9.23 -4.93 -15.10
N ASP A 475 -10.42 -4.76 -15.68
CA ASP A 475 -10.56 -4.14 -17.00
C ASP A 475 -10.54 -2.62 -16.94
N LYS A 476 -10.69 -2.04 -15.76
CA LYS A 476 -10.56 -0.59 -15.58
C LYS A 476 -9.11 -0.16 -15.43
N LEU A 477 -8.16 -1.08 -15.51
CA LEU A 477 -6.75 -0.77 -15.47
C LEU A 477 -6.16 -0.58 -16.86
N ASN A 478 -6.63 -1.33 -17.85
CA ASN A 478 -6.08 -1.29 -19.20
C ASN A 478 -6.70 -0.21 -20.08
N ASP A 479 -7.72 0.48 -19.59
CA ASP A 479 -8.28 1.59 -20.36
C ASP A 479 -7.27 2.74 -20.43
N ASP A 480 -7.35 3.52 -21.50
CA ASP A 480 -6.43 4.63 -21.68
C ASP A 480 -6.97 5.92 -21.07
N ILE A 481 -7.45 5.83 -19.83
CA ILE A 481 -7.81 6.99 -19.04
C ILE A 481 -7.16 6.84 -17.69
N PHE A 482 -6.91 5.60 -17.29
CA PHE A 482 -6.25 5.34 -16.01
C PHE A 482 -4.75 5.58 -16.12
N LYS A 483 -4.14 5.19 -17.23
CA LYS A 483 -2.71 5.41 -17.41
C LYS A 483 -2.37 6.88 -17.59
N ILE A 484 -3.25 7.64 -18.26
CA ILE A 484 -3.02 9.07 -18.43
C ILE A 484 -3.01 9.77 -17.08
N ILE A 485 -4.04 9.51 -16.27
CA ILE A 485 -4.12 10.14 -14.96
C ILE A 485 -3.00 9.65 -14.05
N MET A 486 -2.66 8.36 -14.15
CA MET A 486 -1.57 7.82 -13.34
C MET A 486 -0.24 8.49 -13.72
N ALA A 487 -0.02 8.74 -15.01
CA ALA A 487 1.20 9.39 -15.43
C ALA A 487 1.22 10.86 -15.06
N ILE A 488 0.08 11.54 -15.22
CA ILE A 488 0.00 12.96 -14.90
C ILE A 488 0.22 13.19 -13.41
N VAL A 489 -0.43 12.38 -12.57
CA VAL A 489 -0.33 12.58 -11.12
C VAL A 489 1.07 12.24 -10.64
N LEU A 490 1.66 11.16 -11.15
CA LEU A 490 2.99 10.76 -10.68
C LEU A 490 4.06 11.76 -11.13
N PHE A 491 4.00 12.20 -12.39
CA PHE A 491 5.01 13.14 -12.88
C PHE A 491 4.90 14.49 -12.19
N PHE A 492 3.68 14.96 -11.94
CA PHE A 492 3.49 16.26 -11.31
C PHE A 492 4.13 16.29 -9.93
N PHE A 493 3.80 15.31 -9.09
CA PHE A 493 4.35 15.29 -7.74
C PHE A 493 5.81 14.89 -7.70
N PHE A 494 6.32 14.24 -8.75
CA PHE A 494 7.75 14.00 -8.84
C PHE A 494 8.51 15.26 -9.22
N SER A 495 7.95 16.06 -10.13
CA SER A 495 8.61 17.28 -10.58
C SER A 495 8.54 18.40 -9.56
N TRP A 496 7.61 18.33 -8.60
CA TRP A 496 7.50 19.35 -7.56
C TRP A 496 8.33 19.03 -6.33
N ILE A 497 8.91 17.83 -6.23
CA ILE A 497 9.76 17.50 -5.09
C ILE A 497 10.99 18.41 -5.01
N PRO A 498 11.75 18.64 -6.10
CA PRO A 498 12.93 19.52 -5.96
C PRO A 498 12.59 20.92 -5.49
N HIS A 499 11.47 21.49 -5.92
CA HIS A 499 11.12 22.84 -5.50
C HIS A 499 10.61 22.88 -4.07
N GLN A 500 9.88 21.86 -3.64
CA GLN A 500 9.39 21.84 -2.27
C GLN A 500 10.52 21.68 -1.25
N ILE A 501 11.58 20.97 -1.64
CA ILE A 501 12.72 20.81 -0.74
C ILE A 501 13.43 22.15 -0.53
N PHE A 502 13.70 22.86 -1.63
CA PHE A 502 14.42 24.13 -1.52
C PHE A 502 13.55 25.21 -0.88
N THR A 503 12.24 25.20 -1.14
CA THR A 503 11.35 26.15 -0.47
C THR A 503 11.35 25.93 1.03
N PHE A 504 11.33 24.65 1.45
CA PHE A 504 11.40 24.35 2.88
C PHE A 504 12.75 24.77 3.46
N LEU A 505 13.83 24.57 2.72
CA LEU A 505 15.13 25.04 3.18
C LEU A 505 15.17 26.56 3.29
N ASP A 506 14.51 27.26 2.36
CA ASP A 506 14.47 28.72 2.43
C ASP A 506 13.75 29.18 3.69
N VAL A 507 12.66 28.52 4.06
CA VAL A 507 11.93 28.89 5.27
C VAL A 507 12.81 28.68 6.50
N LEU A 508 13.57 27.57 6.53
CA LEU A 508 14.45 27.31 7.67
C LEU A 508 15.53 28.37 7.78
N ILE A 509 16.06 28.84 6.65
CA ILE A 509 17.12 29.85 6.68
C ILE A 509 16.59 31.15 7.27
N GLN A 510 15.42 31.60 6.81
CA GLN A 510 14.86 32.85 7.31
C GLN A 510 14.24 32.72 8.69
N LEU A 511 14.00 31.49 9.15
CA LEU A 511 13.57 31.27 10.53
C LEU A 511 14.73 31.30 11.51
N GLY A 512 15.97 31.33 11.03
CA GLY A 512 17.13 31.25 11.89
C GLY A 512 17.51 29.85 12.30
N ILE A 513 16.83 28.82 11.80
CA ILE A 513 17.15 27.44 12.16
C ILE A 513 18.54 27.08 11.65
N ILE A 514 18.83 27.40 10.39
CA ILE A 514 20.12 27.13 9.77
C ILE A 514 20.67 28.43 9.23
N ARG A 515 21.92 28.75 9.58
CA ARG A 515 22.57 29.99 9.17
C ARG A 515 23.83 29.72 8.35
N ASP A 516 24.00 28.51 7.85
CA ASP A 516 25.21 28.15 7.13
C ASP A 516 25.30 28.92 5.81
N CYS A 517 26.46 29.54 5.57
CA CYS A 517 26.65 30.29 4.34
C CYS A 517 26.72 29.36 3.12
N ARG A 518 27.31 28.18 3.29
CA ARG A 518 27.42 27.25 2.17
C ARG A 518 26.04 26.77 1.71
N ILE A 519 25.18 26.42 2.67
CA ILE A 519 23.84 25.96 2.31
C ILE A 519 23.00 27.09 1.75
N ALA A 520 23.17 28.30 2.29
CA ALA A 520 22.40 29.44 1.80
C ALA A 520 22.69 29.72 0.33
N ASP A 521 23.96 29.62 -0.07
CA ASP A 521 24.30 29.84 -1.47
C ASP A 521 23.75 28.72 -2.36
N ILE A 522 23.62 27.51 -1.82
CA ILE A 522 23.08 26.40 -2.61
C ILE A 522 21.62 26.66 -2.97
N VAL A 523 20.83 27.14 -2.00
CA VAL A 523 19.40 27.33 -2.23
C VAL A 523 19.16 28.41 -3.27
N ASP A 524 19.88 29.52 -3.17
CA ASP A 524 19.65 30.63 -4.10
C ASP A 524 20.08 30.31 -5.52
N THR A 525 21.14 29.51 -5.68
CA THR A 525 21.63 29.19 -7.02
C THR A 525 20.87 28.06 -7.69
N ALA A 526 20.00 27.36 -6.96
CA ALA A 526 19.26 26.24 -7.51
C ALA A 526 17.75 26.43 -7.51
N MET A 527 17.23 27.45 -6.83
CA MET A 527 15.79 27.69 -6.82
C MET A 527 15.23 27.96 -8.22
N PRO A 528 15.85 28.78 -9.08
CA PRO A 528 15.30 28.94 -10.44
C PRO A 528 15.21 27.64 -11.22
N ILE A 529 16.20 26.76 -11.09
CA ILE A 529 16.14 25.49 -11.80
C ILE A 529 14.98 24.64 -11.29
N THR A 530 14.78 24.61 -9.98
CA THR A 530 13.67 23.84 -9.41
C THR A 530 12.32 24.40 -9.86
N ILE A 531 12.16 25.73 -9.86
CA ILE A 531 10.89 26.29 -10.28
C ILE A 531 10.68 26.14 -11.78
N CYS A 532 11.76 26.05 -12.56
CA CYS A 532 11.62 25.82 -13.98
C CYS A 532 11.19 24.39 -14.27
N ILE A 533 11.81 23.43 -13.59
CA ILE A 533 11.41 22.03 -13.79
C ILE A 533 10.09 21.70 -13.13
N ALA A 534 9.62 22.51 -12.19
CA ALA A 534 8.36 22.25 -11.51
C ALA A 534 7.15 22.56 -12.37
N TYR A 535 7.33 23.25 -13.49
CA TYR A 535 6.23 23.59 -14.39
C TYR A 535 6.40 22.98 -15.77
N PHE A 536 7.21 21.93 -15.89
CA PHE A 536 7.29 21.17 -17.12
C PHE A 536 6.08 20.28 -17.34
N ASN A 537 5.32 20.00 -16.29
CA ASN A 537 4.08 19.25 -16.45
C ASN A 537 3.10 20.02 -17.32
N ASN A 538 3.06 21.35 -17.19
CA ASN A 538 2.22 22.15 -18.08
C ASN A 538 2.62 21.99 -19.55
N CYS A 539 3.84 21.54 -19.81
CA CYS A 539 4.29 21.30 -21.17
C CYS A 539 3.99 19.88 -21.64
N LEU A 540 4.32 18.88 -20.83
CA LEU A 540 4.24 17.50 -21.27
C LEU A 540 3.02 16.75 -20.76
N ASN A 541 2.04 17.43 -20.19
CA ASN A 541 0.74 16.79 -19.95
C ASN A 541 0.06 16.36 -21.24
N PRO A 542 -0.01 17.18 -22.30
CA PRO A 542 -0.58 16.68 -23.56
C PRO A 542 0.20 15.53 -24.17
N LEU A 543 1.50 15.44 -23.91
CA LEU A 543 2.29 14.34 -24.47
C LEU A 543 1.84 13.00 -23.92
N PHE A 544 1.32 12.97 -22.69
CA PHE A 544 0.83 11.72 -22.13
C PHE A 544 -0.39 11.20 -22.88
N TYR A 545 -1.23 12.10 -23.40
CA TYR A 545 -2.40 11.66 -24.15
C TYR A 545 -2.03 10.89 -25.40
N GLY A 546 -0.87 11.17 -25.97
CA GLY A 546 -0.42 10.46 -27.15
C GLY A 546 0.48 9.29 -26.81
N PHE A 547 1.23 9.41 -25.71
CA PHE A 547 2.11 8.32 -25.30
C PHE A 547 1.34 7.15 -24.69
N LEU A 548 0.15 7.42 -24.14
CA LEU A 548 -0.68 6.40 -23.52
C LEU A 548 -2.09 6.41 -24.09
N GLY A 549 -2.22 6.74 -25.37
CA GLY A 549 -3.52 6.77 -26.02
C GLY A 549 -3.61 5.89 -27.24
N LEU B 18 18.24 65.42 13.57
CA LEU B 18 17.14 64.46 13.51
C LEU B 18 17.69 63.07 13.20
N ARG B 19 17.32 62.09 14.03
CA ARG B 19 17.76 60.72 13.87
C ARG B 19 16.56 59.78 13.88
N LEU B 20 16.61 58.77 13.03
CA LEU B 20 15.53 57.78 12.93
C LEU B 20 16.08 56.39 13.19
N SER B 21 15.21 55.51 13.68
CA SER B 21 15.60 54.15 14.05
C SER B 21 14.70 53.15 13.35
N CYS B 22 15.28 51.97 13.05
CA CYS B 22 14.54 50.88 12.42
C CYS B 22 14.45 49.65 13.31
N ALA B 23 15.01 49.70 14.52
CA ALA B 23 14.96 48.59 15.48
C ALA B 23 15.58 47.33 14.87
N ALA B 24 16.83 47.45 14.46
CA ALA B 24 17.60 46.33 13.92
C ALA B 24 19.01 46.39 14.45
N SER B 25 19.64 45.22 14.53
CA SER B 25 21.02 45.13 15.00
C SER B 25 21.66 43.80 14.58
N SER B 29 19.50 40.14 11.40
CA SER B 29 19.49 41.16 10.36
C SER B 29 20.67 41.00 9.42
N TYR B 30 20.68 39.89 8.67
CA TYR B 30 21.73 39.62 7.69
C TYR B 30 21.32 40.06 6.28
N TYR B 31 20.17 40.71 6.14
CA TYR B 31 19.72 41.24 4.87
C TYR B 31 20.16 42.69 4.72
N ARG B 32 20.10 43.18 3.48
CA ARG B 32 20.41 44.57 3.21
C ARG B 32 19.27 45.47 3.70
N MET B 33 19.62 46.59 4.29
CA MET B 33 18.66 47.54 4.82
C MET B 33 18.73 48.84 4.04
N GLY B 34 17.66 49.63 4.13
CA GLY B 34 17.62 50.90 3.42
C GLY B 34 16.45 51.73 3.87
N TRP B 35 16.53 53.02 3.54
CA TRP B 35 15.50 53.99 3.89
C TRP B 35 14.87 54.53 2.60
N TYR B 36 13.54 54.55 2.56
CA TYR B 36 12.81 55.00 1.39
C TYR B 36 11.87 56.14 1.78
N ARG B 37 11.75 57.13 0.89
CA ARG B 37 10.96 58.32 1.13
C ARG B 37 9.80 58.37 0.15
N GLN B 38 8.60 58.63 0.67
CA GLN B 38 7.39 58.75 -0.14
C GLN B 38 6.83 60.15 0.04
N ALA B 39 6.98 60.98 -0.97
CA ALA B 39 6.47 62.34 -0.93
C ALA B 39 5.27 62.51 -1.86
N GLU B 43 7.19 58.69 -5.87
CA GLU B 43 6.69 58.02 -4.67
C GLU B 43 7.59 56.86 -4.27
N ARG B 44 7.77 56.69 -2.96
CA ARG B 44 8.62 55.63 -2.41
C ARG B 44 10.02 55.66 -2.99
N GLU B 45 10.58 56.87 -3.09
CA GLU B 45 11.90 57.03 -3.69
C GLU B 45 12.99 56.61 -2.71
N PHE B 46 14.12 56.20 -3.28
CA PHE B 46 15.26 55.72 -2.51
C PHE B 46 15.97 56.89 -1.83
N VAL B 47 16.51 56.61 -0.63
CA VAL B 47 17.23 57.63 0.13
C VAL B 47 18.63 57.13 0.49
N ALA B 48 18.70 55.99 1.16
CA ALA B 48 19.98 55.44 1.61
C ALA B 48 19.82 53.93 1.77
N GLY B 49 20.96 53.25 1.88
CA GLY B 49 20.95 51.81 2.05
C GLY B 49 22.31 51.22 2.39
N ILE B 50 22.34 50.31 3.36
CA ILE B 50 23.56 49.65 3.78
C ILE B 50 23.33 48.15 3.79
N GLY B 51 24.42 47.40 3.68
CA GLY B 51 24.36 45.95 3.69
C GLY B 51 25.33 45.31 4.66
N THR B 56 27.06 50.40 1.87
CA THR B 56 26.93 51.82 2.12
C THR B 56 26.66 52.58 0.83
N ASN B 57 25.38 52.84 0.55
CA ASN B 57 24.97 53.52 -0.67
C ASN B 57 23.98 54.63 -0.34
N TYR B 58 24.03 55.70 -1.12
CA TYR B 58 23.16 56.85 -0.93
C TYR B 58 22.54 57.24 -2.27
N ALA B 59 21.39 57.89 -2.20
CA ALA B 59 20.79 58.47 -3.39
C ALA B 59 21.65 59.61 -3.90
N ASP B 60 21.80 59.69 -5.23
CA ASP B 60 22.67 60.70 -5.82
C ASP B 60 22.22 62.12 -5.47
N SER B 61 20.92 62.35 -5.39
CA SER B 61 20.42 63.68 -5.05
C SER B 61 20.81 64.07 -3.63
N VAL B 62 20.77 63.12 -2.69
CA VAL B 62 21.06 63.39 -1.29
C VAL B 62 22.44 62.88 -0.89
N LYS B 63 23.25 62.43 -1.85
CA LYS B 63 24.57 61.90 -1.54
C LYS B 63 25.45 62.97 -0.89
N GLY B 64 26.25 62.54 0.09
CA GLY B 64 27.17 63.43 0.77
C GLY B 64 26.56 64.23 1.91
N ARG B 65 25.26 64.11 2.16
CA ARG B 65 24.61 64.83 3.23
C ARG B 65 24.03 63.90 4.30
N PHE B 66 23.20 62.93 3.91
CA PHE B 66 22.66 61.99 4.86
C PHE B 66 23.71 60.95 5.25
N THR B 67 23.58 60.44 6.48
CA THR B 67 24.45 59.39 6.98
C THR B 67 23.59 58.25 7.50
N ILE B 68 23.90 57.03 7.07
CA ILE B 68 23.18 55.83 7.48
C ILE B 68 24.18 54.87 8.10
N SER B 69 23.84 54.36 9.29
CA SER B 69 24.73 53.47 10.02
C SER B 69 24.03 52.17 10.39
N THR B 76 23.61 47.70 13.11
CA THR B 76 22.32 48.32 13.37
C THR B 76 21.92 49.24 12.22
N VAL B 77 20.73 49.85 12.33
CA VAL B 77 20.21 50.74 11.30
C VAL B 77 19.79 52.04 11.96
N TYR B 78 20.38 53.16 11.50
CA TYR B 78 20.02 54.48 11.97
C TYR B 78 20.25 55.47 10.83
N LEU B 79 19.30 56.39 10.65
CA LEU B 79 19.41 57.45 9.66
C LEU B 79 19.40 58.79 10.37
N GLN B 80 20.51 59.52 10.27
CA GLN B 80 20.66 60.81 10.93
C GLN B 80 20.58 61.92 9.89
N MET B 81 19.82 62.97 10.18
CA MET B 81 19.60 64.07 9.27
C MET B 81 20.53 65.23 9.60
N ASN B 82 21.12 65.82 8.56
CA ASN B 82 21.99 66.98 8.72
C ASN B 82 21.29 68.30 8.46
N SER B 83 20.34 68.34 7.52
CA SER B 83 19.62 69.56 7.22
C SER B 83 18.28 69.19 6.59
N LEU B 84 17.37 70.16 6.55
CA LEU B 84 16.05 69.94 5.98
C LEU B 84 15.77 70.92 4.85
N ASP B 88 14.13 66.99 0.82
CA ASP B 88 12.94 67.59 1.42
C ASP B 88 12.45 66.77 2.60
N THR B 89 11.16 66.86 2.89
CA THR B 89 10.55 66.16 4.02
C THR B 89 9.38 65.31 3.53
N ALA B 90 9.30 64.10 4.04
CA ALA B 90 8.22 63.17 3.73
C ALA B 90 8.25 62.04 4.75
N VAL B 91 7.44 61.01 4.53
CA VAL B 91 7.41 59.85 5.41
C VAL B 91 8.48 58.86 4.96
N TYR B 92 9.32 58.44 5.90
CA TYR B 92 10.46 57.57 5.61
C TYR B 92 10.18 56.16 6.10
N TYR B 93 10.36 55.18 5.22
CA TYR B 93 10.21 53.78 5.53
C TYR B 93 11.59 53.13 5.64
N CYS B 94 11.61 51.90 6.15
CA CYS B 94 12.84 51.14 6.32
C CYS B 94 12.60 49.71 5.82
N ALA B 95 13.07 49.42 4.61
CA ALA B 95 12.89 48.11 4.01
C ALA B 95 14.05 47.19 4.37
N ALA B 96 13.79 45.88 4.33
CA ALA B 96 14.76 44.86 4.70
C ALA B 96 14.70 43.76 3.63
N TYR B 97 15.58 43.85 2.65
CA TYR B 97 15.59 42.96 1.50
C TYR B 97 16.97 42.33 1.34
N ASN B 98 17.03 41.27 0.53
CA ASN B 98 18.29 40.61 0.21
C ASN B 98 19.03 41.44 -0.82
N TYR B 99 20.13 40.90 -1.35
CA TYR B 99 20.83 41.54 -2.44
C TYR B 99 20.17 41.20 -3.76
N PHE B 100 20.51 41.97 -4.80
CA PHE B 100 19.76 41.90 -6.05
C PHE B 100 19.69 40.51 -6.67
N PRO B 101 20.77 39.78 -6.86
CA PRO B 101 20.66 38.45 -7.50
C PRO B 101 20.33 37.31 -6.56
N ARG B 102 20.17 37.58 -5.27
CA ARG B 102 19.94 36.53 -4.27
C ARG B 102 18.44 36.40 -3.99
N SER B 103 17.97 35.15 -3.94
CA SER B 103 16.58 34.84 -3.61
C SER B 103 15.62 35.60 -4.51
N ILE B 104 15.87 35.51 -5.81
CA ILE B 104 15.07 36.25 -6.78
C ILE B 104 13.73 35.58 -7.06
N VAL B 105 13.62 34.27 -6.84
CA VAL B 105 12.36 33.58 -7.10
C VAL B 105 11.29 34.05 -6.13
N TYR B 106 11.61 34.10 -4.85
CA TYR B 106 10.73 34.64 -3.81
C TYR B 106 11.48 35.82 -3.18
N TYR B 107 11.35 36.99 -3.80
CA TYR B 107 12.08 38.17 -3.36
C TYR B 107 11.20 38.95 -2.39
N TYR B 108 11.55 38.90 -1.10
CA TYR B 108 10.77 39.54 -0.06
C TYR B 108 11.38 40.89 0.30
N VAL B 109 10.51 41.85 0.61
CA VAL B 109 10.92 43.17 1.04
C VAL B 109 10.10 43.51 2.29
N TYR B 110 10.67 43.27 3.46
CA TYR B 110 10.00 43.56 4.72
C TYR B 110 10.04 45.06 4.97
N TRP B 111 8.89 45.70 4.89
CA TRP B 111 8.80 47.14 5.07
C TRP B 111 8.71 47.47 6.57
N GLY B 112 8.41 48.72 6.88
CA GLY B 112 8.24 49.15 8.25
C GLY B 112 7.24 50.27 8.33
N GLN B 113 6.72 50.49 9.54
CA GLN B 113 5.73 51.54 9.75
C GLN B 113 6.34 52.90 9.45
N GLY B 114 5.62 53.70 8.66
CA GLY B 114 6.12 55.00 8.28
C GLY B 114 6.25 55.92 9.48
N THR B 115 7.29 56.77 9.45
CA THR B 115 7.56 57.74 10.51
C THR B 115 7.74 59.10 9.84
N GLN B 116 6.66 59.87 9.76
CA GLN B 116 6.74 61.19 9.17
C GLN B 116 7.62 62.11 10.02
N VAL B 117 8.50 62.85 9.35
CA VAL B 117 9.44 63.72 10.02
C VAL B 117 8.89 65.14 10.07
N THR B 118 9.43 65.95 10.97
CA THR B 118 9.03 67.34 11.12
C THR B 118 9.88 68.21 10.21
N VAL B 119 9.23 69.11 9.47
CA VAL B 119 9.93 70.00 8.55
C VAL B 119 10.74 71.02 9.31
N GLU C 4 -15.59 -32.36 28.61
CA GLU C 4 -15.50 -33.77 28.97
C GLU C 4 -15.15 -34.62 27.75
N VAL C 5 -14.65 -33.97 26.70
CA VAL C 5 -14.30 -34.68 25.48
C VAL C 5 -13.01 -35.46 25.70
N GLN C 6 -13.00 -36.72 25.25
CA GLN C 6 -11.86 -37.59 25.48
C GLN C 6 -11.88 -38.72 24.47
N LEU C 7 -10.70 -39.05 23.96
CA LEU C 7 -10.50 -40.21 23.09
C LEU C 7 -9.47 -41.12 23.73
N VAL C 8 -9.80 -42.41 23.84
CA VAL C 8 -8.89 -43.39 24.45
C VAL C 8 -8.63 -44.50 23.44
N GLU C 9 -7.44 -45.08 23.54
CA GLU C 9 -7.02 -46.17 22.66
C GLU C 9 -6.82 -47.45 23.46
N SER C 10 -6.80 -48.57 22.74
CA SER C 10 -6.61 -49.88 23.34
C SER C 10 -6.09 -50.82 22.25
N GLY C 11 -5.75 -52.04 22.67
CA GLY C 11 -5.31 -53.06 21.75
C GLY C 11 -3.83 -53.07 21.45
N GLY C 12 -3.08 -52.09 21.93
CA GLY C 12 -1.65 -52.09 21.71
C GLY C 12 -0.94 -53.15 22.55
N GLY C 13 0.11 -53.71 21.97
CA GLY C 13 0.86 -54.75 22.66
C GLY C 13 1.89 -55.37 21.74
N LEU C 14 2.51 -56.43 22.24
CA LEU C 14 3.54 -57.15 21.50
C LEU C 14 2.88 -58.25 20.66
N VAL C 15 3.14 -58.22 19.35
CA VAL C 15 2.59 -59.20 18.43
C VAL C 15 3.70 -59.63 17.47
N GLN C 16 3.72 -60.91 17.13
CA GLN C 16 4.71 -61.42 16.21
C GLN C 16 4.52 -60.80 14.83
N PRO C 17 5.59 -60.61 14.08
CA PRO C 17 5.46 -60.02 12.73
C PRO C 17 4.59 -60.90 11.84
N GLY C 18 3.78 -60.24 11.00
CA GLY C 18 2.82 -60.94 10.17
C GLY C 18 1.52 -61.28 10.85
N GLY C 19 1.34 -60.91 12.12
CA GLY C 19 0.14 -61.21 12.85
C GLY C 19 -0.95 -60.17 12.63
N SER C 20 -2.00 -60.29 13.43
CA SER C 20 -3.15 -59.40 13.35
C SER C 20 -3.37 -58.73 14.70
N LEU C 21 -3.65 -57.42 14.67
CA LEU C 21 -3.89 -56.65 15.88
C LEU C 21 -5.09 -55.74 15.68
N ARG C 22 -5.83 -55.51 16.75
CA ARG C 22 -7.05 -54.71 16.72
C ARG C 22 -6.87 -53.52 17.66
N LEU C 23 -6.98 -52.32 17.14
CA LEU C 23 -6.83 -51.08 17.90
C LEU C 23 -8.16 -50.35 17.96
N SER C 24 -8.59 -50.02 19.18
CA SER C 24 -9.85 -49.33 19.41
C SER C 24 -9.59 -47.85 19.69
N CYS C 25 -10.61 -47.04 19.43
CA CYS C 25 -10.57 -45.60 19.67
C CYS C 25 -11.86 -45.15 20.35
N ALA C 26 -12.26 -45.85 21.41
CA ALA C 26 -13.48 -45.52 22.15
C ALA C 26 -13.49 -44.05 22.56
N ALA C 27 -14.41 -43.27 22.01
CA ALA C 27 -14.45 -41.83 22.25
C ALA C 27 -15.60 -41.47 23.20
N SER C 28 -15.56 -40.22 23.65
CA SER C 28 -16.61 -39.67 24.50
C SER C 28 -16.64 -38.17 24.31
N GLY C 29 -17.80 -37.58 24.60
CA GLY C 29 -18.00 -36.16 24.42
C GLY C 29 -18.50 -35.75 23.05
N PHE C 30 -18.57 -36.69 22.11
CA PHE C 30 -19.11 -36.42 20.78
C PHE C 30 -19.55 -37.76 20.18
N ASN C 31 -19.84 -37.74 18.89
CA ASN C 31 -20.22 -38.94 18.15
C ASN C 31 -19.34 -39.08 16.91
N VAL C 32 -19.11 -40.32 16.49
CA VAL C 32 -18.32 -40.58 15.30
C VAL C 32 -19.00 -40.03 14.06
N VAL C 33 -20.32 -39.87 14.09
CA VAL C 33 -21.03 -39.36 12.92
C VAL C 33 -20.76 -37.87 12.70
N ASP C 34 -20.23 -37.17 13.70
CA ASP C 34 -19.96 -35.74 13.56
C ASP C 34 -18.53 -35.42 13.15
N PHE C 35 -17.59 -36.34 13.35
CA PHE C 35 -16.19 -36.09 13.06
C PHE C 35 -15.59 -37.30 12.37
N SER C 36 -14.55 -37.05 11.57
CA SER C 36 -13.81 -38.13 10.92
C SER C 36 -12.61 -38.49 11.79
N LEU C 37 -12.54 -39.74 12.22
CA LEU C 37 -11.51 -40.18 13.14
C LEU C 37 -10.31 -40.69 12.35
N HIS C 38 -9.19 -40.00 12.48
CA HIS C 38 -7.95 -40.34 11.80
C HIS C 38 -7.02 -41.09 12.75
N TRP C 39 -6.09 -41.84 12.16
CA TRP C 39 -5.08 -42.58 12.91
C TRP C 39 -3.71 -42.07 12.50
N VAL C 40 -2.96 -41.56 13.47
CA VAL C 40 -1.62 -41.03 13.25
C VAL C 40 -0.65 -41.84 14.10
N ARG C 41 0.42 -42.33 13.49
CA ARG C 41 1.43 -43.10 14.20
C ARG C 41 2.69 -42.26 14.38
N GLN C 42 3.56 -42.72 15.26
CA GLN C 42 4.84 -42.04 15.51
C GLN C 42 5.86 -43.09 15.89
N ALA C 43 6.81 -43.37 15.00
CA ALA C 43 7.86 -44.33 15.30
C ALA C 43 8.69 -43.83 16.48
N PRO C 44 9.24 -44.74 17.29
CA PRO C 44 10.00 -44.32 18.48
C PRO C 44 11.17 -43.43 18.10
N GLY C 45 11.14 -42.20 18.61
CA GLY C 45 12.16 -41.22 18.27
C GLY C 45 12.11 -40.75 16.83
N LYS C 46 10.91 -40.58 16.27
CA LYS C 46 10.74 -40.08 14.92
C LYS C 46 9.52 -39.15 14.89
N GLY C 47 9.18 -38.68 13.68
CA GLY C 47 8.10 -37.74 13.53
C GLY C 47 6.74 -38.40 13.37
N LEU C 48 5.70 -37.58 13.41
CA LEU C 48 4.34 -38.08 13.25
C LEU C 48 4.08 -38.48 11.80
N GLU C 49 3.34 -39.57 11.62
CA GLU C 49 3.00 -40.07 10.30
C GLU C 49 1.52 -40.42 10.27
N TRP C 50 0.83 -39.93 9.24
CA TRP C 50 -0.57 -40.26 9.05
C TRP C 50 -0.72 -41.66 8.48
N VAL C 51 -1.65 -42.43 9.03
CA VAL C 51 -1.83 -43.84 8.67
C VAL C 51 -3.12 -44.05 7.87
N ALA C 52 -4.26 -43.77 8.47
CA ALA C 52 -5.54 -44.06 7.84
C ALA C 52 -6.60 -43.19 8.49
N TYR C 53 -7.77 -43.12 7.84
CA TYR C 53 -8.89 -42.37 8.38
C TYR C 53 -10.19 -43.00 7.92
N ILE C 54 -11.26 -42.71 8.64
CA ILE C 54 -12.61 -43.14 8.28
C ILE C 54 -13.57 -41.99 8.53
N SER C 55 -14.50 -41.81 7.61
CA SER C 55 -15.57 -40.82 7.75
C SER C 55 -16.87 -41.60 7.94
N SER C 56 -17.44 -41.52 9.15
CA SER C 56 -18.62 -42.31 9.46
C SER C 56 -19.82 -41.90 8.61
N SER C 57 -19.99 -40.59 8.40
CA SER C 57 -21.12 -40.11 7.62
C SER C 57 -21.04 -40.59 6.17
N SER C 58 -19.90 -40.35 5.52
CA SER C 58 -19.73 -40.72 4.12
C SER C 58 -19.34 -42.18 3.93
N GLY C 59 -18.92 -42.88 4.99
CA GLY C 59 -18.47 -44.24 4.85
C GLY C 59 -17.16 -44.41 4.11
N SER C 60 -16.47 -43.32 3.81
CA SER C 60 -15.24 -43.36 3.01
C SER C 60 -14.04 -43.57 3.92
N THR C 61 -13.17 -44.51 3.53
CA THR C 61 -11.94 -44.80 4.24
C THR C 61 -10.76 -44.66 3.29
N SER C 62 -9.69 -44.04 3.77
CA SER C 62 -8.46 -43.90 3.00
C SER C 62 -7.30 -44.39 3.84
N TYR C 63 -6.23 -44.80 3.14
CA TYR C 63 -5.06 -45.33 3.81
C TYR C 63 -3.80 -44.70 3.21
N ALA C 64 -2.75 -44.63 4.01
CA ALA C 64 -1.47 -44.17 3.50
C ALA C 64 -0.89 -45.18 2.52
N ASP C 65 -0.07 -44.68 1.59
CA ASP C 65 0.48 -45.55 0.56
C ASP C 65 1.42 -46.61 1.13
N SER C 66 1.89 -46.43 2.36
CA SER C 66 2.75 -47.40 3.01
C SER C 66 1.97 -48.41 3.84
N VAL C 67 0.66 -48.22 4.01
CA VAL C 67 -0.15 -49.11 4.83
C VAL C 67 -1.38 -49.55 4.04
N LYS C 68 -1.46 -49.13 2.78
CA LYS C 68 -2.65 -49.40 1.98
C LYS C 68 -2.82 -50.90 1.76
N GLY C 69 -4.03 -51.38 1.96
CA GLY C 69 -4.33 -52.80 1.80
C GLY C 69 -4.05 -53.65 3.02
N ARG C 70 -2.87 -53.47 3.61
CA ARG C 70 -2.51 -54.25 4.79
C ARG C 70 -3.39 -53.90 5.99
N PHE C 71 -3.70 -52.63 6.18
CA PHE C 71 -4.50 -52.18 7.30
C PHE C 71 -5.95 -51.98 6.88
N THR C 72 -6.86 -52.16 7.84
CA THR C 72 -8.28 -51.95 7.63
C THR C 72 -8.83 -51.16 8.80
N ILE C 73 -9.65 -50.15 8.51
CA ILE C 73 -10.21 -49.28 9.52
C ILE C 73 -11.73 -49.30 9.40
N SER C 74 -12.40 -49.43 10.54
CA SER C 74 -13.87 -49.44 10.61
C SER C 74 -14.32 -48.55 11.74
N ALA C 75 -15.63 -48.50 11.97
CA ALA C 75 -16.19 -47.69 13.03
C ALA C 75 -17.52 -48.27 13.46
N ASP C 76 -17.98 -47.85 14.63
CA ASP C 76 -19.26 -48.28 15.19
C ASP C 76 -19.93 -47.08 15.83
N THR C 77 -21.06 -46.66 15.28
CA THR C 77 -21.75 -45.48 15.80
C THR C 77 -22.24 -45.68 17.23
N SER C 78 -22.78 -46.87 17.53
CA SER C 78 -23.31 -47.12 18.87
C SER C 78 -22.22 -47.10 19.93
N LYS C 79 -21.08 -47.72 19.64
CA LYS C 79 -20.00 -47.81 20.62
C LYS C 79 -19.06 -46.61 20.61
N ASN C 80 -19.19 -45.72 19.63
CA ASN C 80 -18.28 -44.57 19.48
C ASN C 80 -16.82 -45.03 19.39
N THR C 81 -16.60 -46.13 18.68
CA THR C 81 -15.27 -46.73 18.55
C THR C 81 -14.89 -46.79 17.07
N ALA C 82 -13.63 -46.48 16.79
CA ALA C 82 -13.07 -46.54 15.44
C ALA C 82 -11.97 -47.59 15.43
N TYR C 83 -12.34 -48.83 15.14
CA TYR C 83 -11.37 -49.92 15.13
C TYR C 83 -10.39 -49.76 13.98
N LEU C 84 -9.17 -50.27 14.19
CA LEU C 84 -8.14 -50.30 13.16
C LEU C 84 -7.56 -51.71 13.13
N GLN C 85 -7.91 -52.46 12.08
CA GLN C 85 -7.44 -53.83 11.92
C GLN C 85 -6.14 -53.81 11.12
N MET C 86 -5.05 -54.22 11.76
CA MET C 86 -3.73 -54.24 11.14
C MET C 86 -3.33 -55.69 10.92
N ASN C 87 -3.00 -56.04 9.68
CA ASN C 87 -2.59 -57.39 9.31
C ASN C 87 -1.24 -57.34 8.61
N SER C 88 -0.50 -58.44 8.71
CA SER C 88 0.83 -58.58 8.10
C SER C 88 1.76 -57.46 8.57
N LEU C 89 1.86 -57.30 9.88
CA LEU C 89 2.69 -56.25 10.46
C LEU C 89 4.16 -56.51 10.17
N ARG C 90 4.87 -55.46 9.80
CA ARG C 90 6.30 -55.52 9.53
C ARG C 90 7.06 -54.81 10.65
N ALA C 91 8.38 -54.71 10.47
CA ALA C 91 9.21 -54.04 11.45
C ALA C 91 9.02 -52.53 11.47
N GLU C 92 8.51 -51.96 10.39
CA GLU C 92 8.29 -50.52 10.33
C GLU C 92 7.01 -50.07 11.02
N ASP C 93 6.18 -51.03 11.46
CA ASP C 93 4.90 -50.71 12.08
C ASP C 93 4.99 -50.60 13.60
N THR C 94 6.18 -50.67 14.17
CA THR C 94 6.37 -50.46 15.60
C THR C 94 6.34 -48.97 15.87
N ALA C 95 5.27 -48.49 16.49
CA ALA C 95 5.10 -47.06 16.73
C ALA C 95 4.02 -46.88 17.79
N VAL C 96 3.78 -45.62 18.14
CA VAL C 96 2.69 -45.24 19.03
C VAL C 96 1.57 -44.69 18.17
N TYR C 97 0.45 -45.39 18.14
CA TYR C 97 -0.67 -45.04 17.27
C TYR C 97 -1.64 -44.13 18.02
N TYR C 98 -1.76 -42.90 17.56
CA TYR C 98 -2.74 -41.96 18.09
C TYR C 98 -4.01 -42.01 17.26
N CYS C 99 -5.07 -41.41 17.80
CA CYS C 99 -6.37 -41.39 17.14
C CYS C 99 -6.94 -39.99 17.31
N ALA C 100 -6.66 -39.12 16.35
CA ALA C 100 -7.17 -37.76 16.40
C ALA C 100 -8.58 -37.70 15.83
N ARG C 101 -9.20 -36.53 15.97
CA ARG C 101 -10.51 -36.28 15.38
C ARG C 101 -10.46 -35.00 14.57
N TRP C 102 -11.28 -34.95 13.52
CA TRP C 102 -11.25 -33.85 12.57
C TRP C 102 -12.68 -33.55 12.14
N GLY C 103 -12.99 -32.26 12.05
CA GLY C 103 -14.35 -31.84 11.74
C GLY C 103 -14.72 -32.07 10.30
N TYR C 104 -15.93 -31.63 9.97
CA TYR C 104 -16.51 -31.83 8.65
C TYR C 104 -16.70 -30.50 7.95
N TRP C 105 -16.30 -30.44 6.68
CA TRP C 105 -16.55 -29.26 5.88
C TRP C 105 -18.05 -29.12 5.60
N PRO C 106 -18.58 -27.90 5.54
CA PRO C 106 -17.93 -26.60 5.74
C PRO C 106 -17.93 -26.13 7.19
N GLY C 107 -17.15 -25.12 7.50
CA GLY C 107 -17.19 -24.47 8.80
C GLY C 107 -15.85 -24.48 9.48
N GLU C 108 -15.85 -23.98 10.71
CA GLU C 108 -14.67 -23.93 11.58
C GLU C 108 -14.24 -25.30 12.09
N PRO C 109 -15.15 -26.27 12.31
CA PRO C 109 -14.68 -27.60 12.72
C PRO C 109 -13.67 -28.23 11.76
N TRP C 110 -13.77 -27.95 10.46
CA TRP C 110 -12.78 -28.49 9.53
C TRP C 110 -11.44 -27.80 9.70
N TRP C 111 -11.43 -26.48 9.92
CA TRP C 111 -10.18 -25.75 10.05
C TRP C 111 -9.43 -26.10 11.32
N LYS C 112 -10.11 -26.62 12.33
CA LYS C 112 -9.46 -27.09 13.56
C LYS C 112 -9.06 -28.54 13.33
N ALA C 113 -7.88 -28.73 12.76
CA ALA C 113 -7.44 -30.06 12.35
C ALA C 113 -6.78 -30.78 13.52
N PHE C 114 -7.29 -31.98 13.83
CA PHE C 114 -6.76 -32.82 14.90
C PHE C 114 -6.68 -32.05 16.21
N ASP C 115 -7.78 -31.36 16.54
CA ASP C 115 -7.79 -30.51 17.73
C ASP C 115 -7.65 -31.34 19.00
N TYR C 116 -8.32 -32.49 19.08
CA TYR C 116 -8.22 -33.38 20.22
C TYR C 116 -7.63 -34.70 19.78
N TRP C 117 -6.57 -35.13 20.47
CA TRP C 117 -5.88 -36.38 20.18
C TRP C 117 -6.18 -37.41 21.25
N GLY C 118 -5.98 -38.67 20.91
CA GLY C 118 -6.08 -39.73 21.88
C GLY C 118 -4.83 -39.87 22.70
N GLN C 119 -4.92 -40.66 23.77
CA GLN C 119 -3.78 -40.84 24.66
C GLN C 119 -2.63 -41.55 23.98
N GLY C 120 -2.92 -42.35 22.96
CA GLY C 120 -1.88 -43.07 22.24
C GLY C 120 -1.65 -44.46 22.79
N THR C 121 -1.42 -45.42 21.90
CA THR C 121 -1.12 -46.79 22.30
C THR C 121 0.08 -47.30 21.52
N LEU C 122 0.88 -48.13 22.17
CA LEU C 122 2.14 -48.62 21.62
C LEU C 122 2.00 -50.06 21.17
N VAL C 123 2.41 -50.33 19.93
CA VAL C 123 2.45 -51.69 19.38
C VAL C 123 3.88 -51.97 18.94
N THR C 124 4.32 -53.21 19.16
CA THR C 124 5.67 -53.62 18.81
C THR C 124 5.63 -54.98 18.14
N VAL C 125 6.54 -55.20 17.19
CA VAL C 125 6.64 -56.47 16.51
C VAL C 125 8.00 -57.11 16.79
N ASP D 1 0.21 -35.11 -2.48
CA ASP D 1 1.44 -35.53 -1.82
C ASP D 1 2.30 -34.33 -1.49
N ILE D 2 1.71 -33.34 -0.81
CA ILE D 2 2.45 -32.14 -0.42
C ILE D 2 3.43 -32.50 0.67
N GLN D 3 4.67 -32.05 0.52
CA GLN D 3 5.74 -32.34 1.47
C GLN D 3 6.05 -31.10 2.30
N MET D 4 6.00 -31.24 3.61
CA MET D 4 6.31 -30.16 4.54
C MET D 4 7.71 -30.36 5.08
N THR D 5 8.53 -29.30 5.05
CA THR D 5 9.91 -29.36 5.53
C THR D 5 10.10 -28.23 6.54
N GLN D 6 10.57 -28.58 7.73
CA GLN D 6 10.87 -27.60 8.77
C GLN D 6 12.37 -27.30 8.74
N SER D 7 12.71 -26.04 8.53
CA SER D 7 14.12 -25.66 8.39
C SER D 7 14.93 -25.93 9.66
N PRO D 8 14.51 -25.49 10.87
CA PRO D 8 15.31 -25.78 12.07
C PRO D 8 15.03 -27.18 12.59
N SER D 9 16.03 -28.06 12.45
CA SER D 9 15.91 -29.40 13.03
C SER D 9 15.86 -29.34 14.55
N SER D 10 16.67 -28.46 15.15
CA SER D 10 16.65 -28.22 16.59
C SER D 10 16.84 -26.73 16.81
N LEU D 11 16.28 -26.22 17.91
CA LEU D 11 16.29 -24.79 18.20
C LEU D 11 16.61 -24.61 19.68
N SER D 12 17.90 -24.47 19.99
CA SER D 12 18.34 -24.23 21.36
C SER D 12 18.23 -22.75 21.67
N ALA D 13 17.34 -22.41 22.60
CA ALA D 13 17.13 -21.02 22.98
C ALA D 13 16.87 -20.93 24.48
N SER D 14 17.12 -19.75 25.03
CA SER D 14 16.99 -19.51 26.46
C SER D 14 15.61 -18.94 26.78
N VAL D 15 15.28 -18.97 28.08
CA VAL D 15 13.98 -18.48 28.53
C VAL D 15 13.86 -16.99 28.24
N GLY D 16 12.71 -16.59 27.69
CA GLY D 16 12.47 -15.21 27.33
C GLY D 16 12.90 -14.86 25.92
N ASP D 17 13.55 -15.77 25.20
CA ASP D 17 13.98 -15.50 23.84
C ASP D 17 12.79 -15.62 22.88
N ARG D 18 12.96 -15.04 21.69
CA ARG D 18 11.97 -15.13 20.63
C ARG D 18 12.43 -16.19 19.63
N VAL D 19 11.63 -17.23 19.45
CA VAL D 19 11.95 -18.33 18.56
C VAL D 19 10.98 -18.33 17.39
N THR D 20 11.50 -18.61 16.21
CA THR D 20 10.68 -18.70 14.99
C THR D 20 11.01 -20.01 14.28
N ILE D 21 9.96 -20.76 13.95
CA ILE D 21 10.09 -22.05 13.30
C ILE D 21 9.42 -21.96 11.94
N THR D 22 10.18 -22.25 10.88
CA THR D 22 9.71 -22.09 9.50
C THR D 22 9.43 -23.45 8.90
N CYS D 23 8.26 -23.59 8.27
CA CYS D 23 7.84 -24.82 7.62
C CYS D 23 7.33 -24.48 6.23
N ARG D 24 7.80 -25.22 5.23
CA ARG D 24 7.55 -24.90 3.83
C ARG D 24 6.82 -26.05 3.14
N ALA D 25 5.85 -25.70 2.30
CA ALA D 25 5.06 -26.67 1.56
C ALA D 25 5.53 -26.74 0.11
N SER D 26 5.57 -27.96 -0.43
CA SER D 26 5.98 -28.13 -1.82
C SER D 26 4.97 -27.49 -2.78
N GLN D 27 3.68 -27.69 -2.52
CA GLN D 27 2.63 -27.10 -3.32
C GLN D 27 1.99 -25.95 -2.54
N SER D 28 0.93 -25.38 -3.12
CA SER D 28 0.08 -24.44 -2.41
C SER D 28 -1.02 -25.23 -1.70
N VAL D 29 -1.15 -25.00 -0.39
CA VAL D 29 -2.15 -25.68 0.41
C VAL D 29 -3.08 -24.69 1.10
N SER D 30 -3.15 -23.48 0.59
CA SER D 30 -3.93 -22.39 1.20
C SER D 30 -3.40 -22.19 2.61
N SER D 31 -4.24 -21.72 3.52
CA SER D 31 -3.87 -21.56 4.92
C SER D 31 -4.13 -22.81 5.74
N ALA D 32 -4.18 -23.98 5.09
CA ALA D 32 -4.47 -25.24 5.76
C ALA D 32 -3.17 -25.84 6.31
N VAL D 33 -2.60 -25.13 7.29
CA VAL D 33 -1.40 -25.60 7.99
C VAL D 33 -1.61 -25.37 9.48
N ALA D 34 -1.46 -26.43 10.27
CA ALA D 34 -1.64 -26.37 11.71
C ALA D 34 -0.32 -26.67 12.41
N TRP D 35 -0.20 -26.18 13.64
CA TRP D 35 1.00 -26.34 14.46
C TRP D 35 0.65 -27.06 15.74
N TYR D 36 1.51 -27.98 16.16
CA TYR D 36 1.31 -28.81 17.34
C TYR D 36 2.48 -28.64 18.29
N GLN D 37 2.38 -29.28 19.45
CA GLN D 37 3.42 -29.20 20.47
C GLN D 37 3.38 -30.49 21.28
N GLN D 38 4.28 -31.41 20.97
CA GLN D 38 4.32 -32.72 21.61
C GLN D 38 5.38 -32.71 22.70
N LYS D 39 4.94 -32.74 23.96
CA LYS D 39 5.86 -33.03 25.05
C LYS D 39 6.26 -34.50 24.99
N PRO D 40 7.49 -34.82 25.41
CA PRO D 40 7.94 -36.22 25.33
C PRO D 40 7.09 -37.12 26.22
N GLY D 41 6.47 -38.12 25.60
CA GLY D 41 5.66 -39.07 26.31
C GLY D 41 4.17 -38.82 26.31
N LYS D 42 3.68 -37.88 25.50
CA LYS D 42 2.25 -37.60 25.47
C LYS D 42 1.87 -37.14 24.06
N ALA D 43 0.56 -37.12 23.81
CA ALA D 43 0.04 -36.78 22.50
C ALA D 43 0.26 -35.29 22.21
N PRO D 44 0.34 -34.92 20.93
CA PRO D 44 0.51 -33.50 20.58
C PRO D 44 -0.71 -32.68 20.97
N LYS D 45 -0.52 -31.37 20.95
CA LYS D 45 -1.58 -30.42 21.28
C LYS D 45 -1.64 -29.35 20.21
N LEU D 46 -2.83 -29.09 19.68
CA LEU D 46 -2.99 -28.07 18.65
C LEU D 46 -2.69 -26.69 19.22
N LEU D 47 -2.00 -25.87 18.43
CA LEU D 47 -1.68 -24.50 18.81
C LEU D 47 -2.29 -23.48 17.85
N ILE D 48 -2.14 -23.67 16.55
CA ILE D 48 -2.59 -22.73 15.53
C ILE D 48 -3.39 -23.55 14.52
N TYR D 49 -4.72 -23.53 14.64
CA TYR D 49 -5.53 -24.44 13.82
C TYR D 49 -5.50 -24.05 12.35
N SER D 50 -5.55 -22.75 12.05
CA SER D 50 -5.30 -22.30 10.69
C SER D 50 -3.82 -21.95 10.55
N ALA D 51 -3.45 -21.29 9.46
CA ALA D 51 -2.05 -20.90 9.29
C ALA D 51 -1.63 -19.92 10.37
N SER D 52 -2.53 -19.02 10.77
CA SER D 52 -2.20 -18.00 11.77
C SER D 52 -3.26 -17.81 12.84
N SER D 53 -4.32 -18.63 12.86
CA SER D 53 -5.41 -18.45 13.81
C SER D 53 -5.11 -19.24 15.08
N LEU D 54 -4.91 -18.52 16.19
CA LEU D 54 -4.58 -19.16 17.46
C LEU D 54 -5.73 -20.04 17.94
N TYR D 55 -5.38 -21.11 18.64
CA TYR D 55 -6.36 -22.00 19.24
C TYR D 55 -6.86 -21.40 20.56
N SER D 56 -7.82 -22.08 21.18
CA SER D 56 -8.41 -21.63 22.44
C SER D 56 -7.86 -22.47 23.59
N GLY D 57 -7.33 -21.80 24.60
CA GLY D 57 -6.73 -22.46 25.74
C GLY D 57 -5.22 -22.47 25.74
N VAL D 58 -4.58 -22.07 24.64
CA VAL D 58 -3.13 -21.99 24.57
C VAL D 58 -2.71 -20.55 24.84
N PRO D 59 -1.50 -20.31 25.36
CA PRO D 59 -1.07 -18.93 25.60
C PRO D 59 -1.00 -18.12 24.32
N SER D 60 -1.27 -16.82 24.45
CA SER D 60 -1.31 -15.92 23.31
C SER D 60 0.07 -15.55 22.78
N ARG D 61 1.14 -16.14 23.34
CA ARG D 61 2.48 -15.86 22.82
C ARG D 61 2.73 -16.56 21.49
N PHE D 62 2.14 -17.73 21.28
CA PHE D 62 2.27 -18.42 20.00
C PHE D 62 1.54 -17.63 18.91
N SER D 63 2.16 -17.52 17.75
CA SER D 63 1.57 -16.79 16.65
C SER D 63 2.15 -17.29 15.33
N GLY D 64 1.29 -17.74 14.43
CA GLY D 64 1.70 -18.21 13.13
C GLY D 64 1.54 -17.14 12.06
N SER D 65 2.04 -17.45 10.87
CA SER D 65 1.93 -16.55 9.73
C SER D 65 2.09 -17.35 8.45
N ARG D 66 1.64 -16.75 7.35
CA ARG D 66 1.74 -17.35 6.03
C ARG D 66 2.29 -16.31 5.05
N SER D 67 3.21 -16.73 4.20
CA SER D 67 3.80 -15.88 3.16
C SER D 67 3.84 -16.63 1.84
N GLY D 68 2.72 -17.28 1.49
CA GLY D 68 2.67 -18.11 0.31
C GLY D 68 2.69 -19.58 0.66
N THR D 69 3.81 -20.24 0.38
CA THR D 69 4.01 -21.62 0.79
C THR D 69 4.97 -21.76 1.97
N ASP D 70 5.31 -20.65 2.61
CA ASP D 70 6.18 -20.64 3.78
C ASP D 70 5.36 -20.26 5.01
N PHE D 71 5.37 -21.13 6.01
CA PHE D 71 4.59 -20.94 7.23
C PHE D 71 5.54 -20.90 8.41
N THR D 72 5.36 -19.91 9.28
CA THR D 72 6.25 -19.69 10.42
C THR D 72 5.45 -19.72 11.72
N LEU D 73 6.03 -20.32 12.75
CA LEU D 73 5.49 -20.31 14.09
C LEU D 73 6.43 -19.50 14.98
N THR D 74 5.86 -18.58 15.76
CA THR D 74 6.65 -17.67 16.58
C THR D 74 6.20 -17.74 18.03
N ILE D 75 7.16 -17.82 18.95
CA ILE D 75 6.91 -17.74 20.38
C ILE D 75 7.65 -16.52 20.90
N SER D 76 6.89 -15.52 21.39
CA SER D 76 7.51 -14.27 21.82
C SER D 76 8.34 -14.46 23.08
N SER D 77 7.77 -15.11 24.10
CA SER D 77 8.43 -15.33 25.38
C SER D 77 8.55 -16.83 25.62
N LEU D 78 9.75 -17.36 25.44
CA LEU D 78 9.97 -18.81 25.55
C LEU D 78 9.95 -19.20 27.02
N GLN D 79 8.74 -19.44 27.53
CA GLN D 79 8.57 -19.84 28.92
C GLN D 79 9.13 -21.24 29.14
N PRO D 80 9.41 -21.60 30.41
CA PRO D 80 10.01 -22.92 30.67
C PRO D 80 9.13 -24.10 30.27
N GLU D 81 7.83 -23.91 30.11
CA GLU D 81 6.96 -24.99 29.66
C GLU D 81 6.80 -25.05 28.16
N ASP D 82 7.49 -24.18 27.41
CA ASP D 82 7.43 -24.15 25.96
C ASP D 82 8.60 -24.90 25.32
N PHE D 83 9.13 -25.91 25.99
CA PHE D 83 10.24 -26.71 25.48
C PHE D 83 9.70 -28.08 25.12
N ALA D 84 9.41 -28.27 23.84
CA ALA D 84 8.88 -29.53 23.33
C ALA D 84 9.12 -29.56 21.82
N THR D 85 8.61 -30.59 21.16
CA THR D 85 8.74 -30.74 19.72
C THR D 85 7.53 -30.16 19.02
N TYR D 86 7.75 -29.33 18.02
CA TYR D 86 6.70 -28.63 17.31
C TYR D 86 6.62 -29.13 15.88
N TYR D 87 5.42 -29.57 15.47
CA TYR D 87 5.19 -30.10 14.14
C TYR D 87 4.26 -29.20 13.36
N CYS D 88 4.49 -29.11 12.05
CA CYS D 88 3.57 -28.45 11.13
C CYS D 88 2.85 -29.51 10.33
N GLN D 89 1.52 -29.42 10.29
CA GLN D 89 0.71 -30.36 9.55
C GLN D 89 0.01 -29.61 8.42
N GLN D 90 0.09 -30.17 7.22
CA GLN D 90 -0.70 -29.70 6.08
C GLN D 90 -1.94 -30.56 5.97
N TYR D 91 -3.11 -29.93 6.07
CA TYR D 91 -4.34 -30.71 6.12
C TYR D 91 -5.30 -30.27 5.02
N LEU D 92 -4.79 -30.17 3.79
CA LEU D 92 -5.62 -29.73 2.67
C LEU D 92 -6.79 -30.66 2.42
N TYR D 93 -6.64 -31.95 2.73
CA TYR D 93 -7.71 -32.91 2.56
C TYR D 93 -7.46 -34.07 3.51
N TYR D 94 -8.50 -34.90 3.70
CA TYR D 94 -8.43 -35.98 4.67
C TYR D 94 -7.30 -36.96 4.35
N SER D 95 -7.15 -37.33 3.08
CA SER D 95 -6.13 -38.29 2.69
C SER D 95 -4.81 -37.62 2.30
N LEU D 96 -4.72 -36.30 2.43
CA LEU D 96 -3.53 -35.55 2.04
C LEU D 96 -2.80 -34.97 3.25
N VAL D 97 -2.90 -35.63 4.40
CA VAL D 97 -2.29 -35.12 5.62
C VAL D 97 -0.81 -35.47 5.63
N THR D 98 0.03 -34.46 5.91
CA THR D 98 1.47 -34.63 5.98
C THR D 98 2.02 -33.75 7.08
N PHE D 99 2.78 -34.35 7.99
CA PHE D 99 3.37 -33.62 9.10
C PHE D 99 4.80 -33.20 8.77
N GLY D 100 5.28 -32.19 9.50
CA GLY D 100 6.66 -31.81 9.43
C GLY D 100 7.55 -32.76 10.22
N GLN D 101 8.85 -32.53 10.12
CA GLN D 101 9.82 -33.41 10.78
C GLN D 101 10.06 -33.05 12.24
N GLY D 102 9.52 -31.94 12.71
CA GLY D 102 9.67 -31.59 14.12
C GLY D 102 10.82 -30.62 14.35
N THR D 103 10.68 -29.81 15.40
CA THR D 103 11.69 -28.82 15.78
C THR D 103 11.82 -28.87 17.29
N LYS D 104 12.74 -29.69 17.78
CA LYS D 104 12.94 -29.87 19.21
C LYS D 104 13.57 -28.60 19.78
N VAL D 105 12.77 -27.79 20.45
CA VAL D 105 13.26 -26.58 21.10
C VAL D 105 13.87 -26.97 22.44
N GLU D 106 15.13 -26.61 22.65
CA GLU D 106 15.91 -27.02 23.80
C GLU D 106 16.29 -25.81 24.65
N ILE D 107 16.95 -26.09 25.77
CA ILE D 107 17.43 -25.04 26.66
C ILE D 107 18.86 -24.68 26.26
N LYS D 108 19.11 -23.38 26.11
CA LYS D 108 20.43 -22.91 25.70
C LYS D 108 21.32 -22.73 26.92
N ARG D 109 22.51 -23.36 26.88
CA ARG D 109 23.45 -23.30 27.97
C ARG D 109 24.81 -22.79 27.51
#